data_8XHT
#
_entry.id   8XHT
#
_cell.length_a   72.331
_cell.length_b   103.396
_cell.length_c   91.072
_cell.angle_alpha   90.000
_cell.angle_beta   89.971
_cell.angle_gamma   90.000
#
_symmetry.space_group_name_H-M   'P 1 21 1'
#
loop_
_entity.id
_entity.type
_entity.pdbx_description
1 polymer 'Fe/2OG dependent dioxygenase'
2 non-polymer 'FE (II) ION'
3 non-polymer DI(HYDROXYETHYL)ETHER
4 non-polymer '2-OXOGLUTARIC ACID'
5 water water
#
_entity_poly.entity_id   1
_entity_poly.type   'polypeptide(L)'
_entity_poly.pdbx_seq_one_letter_code
;MNPNATYALASAELIDGKLRFDSSDGFARAIADGFFFVKSPSLDLAAGDTFARNFYLPRQEGLGAPYQGFSQWTEDRLAR
REGYFSRDVDQVEQFFLESRFWQTVFPGPLLRQAERMRSFSLEVLRAVLAELDLPVELWDEATGRCLSMQGTYHLTFNHF
RSHVRARGLNVHKDSGWVTILRSLEPGLEVLREGDWLPVSPRPGEFIVNFGCAMEILTRHSATPVAAVAHRVQEQLPGQA
DRFSYALFVDSSLDPRTCPGLFRYLPGHGLVLEADFEMFLNEILHNTYQENTQGLYLEHHHHHHHH
;
_entity_poly.pdbx_strand_id   A,B,C,D
#
loop_
_chem_comp.id
_chem_comp.type
_chem_comp.name
_chem_comp.formula
AKG non-polymer '2-OXOGLUTARIC ACID' 'C5 H6 O5'
FE2 non-polymer 'FE (II) ION' 'Fe 2'
PEG non-polymer DI(HYDROXYETHYL)ETHER 'C4 H10 O3'
#
# COMPACT_ATOMS: atom_id res chain seq x y z
N ALA A 5 22.75 -32.55 -18.08
CA ALA A 5 23.04 -31.12 -18.05
C ALA A 5 22.57 -30.45 -19.33
N THR A 6 21.78 -31.17 -20.14
CA THR A 6 21.21 -30.61 -21.35
C THR A 6 19.69 -30.76 -21.41
N TYR A 7 19.08 -31.44 -20.43
CA TYR A 7 17.62 -31.54 -20.38
C TYR A 7 17.00 -30.14 -20.33
N ALA A 8 15.95 -29.94 -21.13
CA ALA A 8 15.27 -28.66 -21.22
C ALA A 8 14.00 -28.71 -20.40
N LEU A 9 13.83 -27.74 -19.49
CA LEU A 9 12.58 -27.63 -18.74
C LEU A 9 11.41 -27.34 -19.67
N ALA A 10 10.24 -27.84 -19.30
CA ALA A 10 9.00 -27.45 -19.95
C ALA A 10 8.79 -25.94 -19.88
N SER A 11 8.04 -25.42 -20.86
CA SER A 11 7.73 -23.99 -20.95
C SER A 11 6.29 -23.77 -21.36
N ALA A 12 5.62 -22.83 -20.71
CA ALA A 12 4.22 -22.56 -20.96
C ALA A 12 3.97 -21.07 -21.13
N GLU A 13 2.79 -20.76 -21.66
CA GLU A 13 2.27 -19.40 -21.73
C GLU A 13 0.94 -19.36 -21.00
N LEU A 14 0.70 -18.29 -20.27
CA LEU A 14 -0.54 -18.13 -19.51
C LEU A 14 -1.58 -17.50 -20.43
N ILE A 15 -2.51 -18.31 -20.92
CA ILE A 15 -3.53 -17.90 -21.87
C ILE A 15 -4.89 -18.27 -21.31
N ASP A 16 -5.77 -17.28 -21.17
CA ASP A 16 -7.14 -17.51 -20.70
C ASP A 16 -7.15 -18.22 -19.35
N GLY A 17 -6.19 -17.88 -18.50
CA GLY A 17 -6.11 -18.44 -17.17
C GLY A 17 -5.60 -19.86 -17.08
N LYS A 18 -5.14 -20.45 -18.18
CA LYS A 18 -4.57 -21.79 -18.15
C LYS A 18 -3.16 -21.74 -18.74
N LEU A 19 -2.30 -22.63 -18.25
CA LEU A 19 -0.95 -22.75 -18.76
C LEU A 19 -0.96 -23.59 -20.04
N ARG A 20 -0.49 -23.00 -21.13
CA ARG A 20 -0.41 -23.67 -22.44
C ARG A 20 1.05 -24.06 -22.62
N PHE A 21 1.37 -25.34 -22.45
CA PHE A 21 2.75 -25.75 -22.54
C PHE A 21 3.16 -25.99 -23.98
N ASP A 22 4.45 -25.83 -24.24
CA ASP A 22 4.95 -26.05 -25.59
C ASP A 22 5.16 -27.53 -25.93
N SER A 23 4.81 -28.46 -25.03
CA SER A 23 4.65 -29.86 -25.35
C SER A 23 3.48 -30.40 -24.54
N SER A 24 2.94 -31.55 -24.97
N SER A 24 2.93 -31.53 -24.98
CA SER A 24 1.74 -32.09 -24.32
CA SER A 24 1.75 -32.09 -24.32
C SER A 24 2.07 -32.70 -22.95
C SER A 24 2.08 -32.65 -22.94
N ASP A 25 3.31 -33.14 -22.75
CA ASP A 25 3.71 -33.64 -21.44
C ASP A 25 4.22 -32.54 -20.52
N GLY A 26 4.00 -31.28 -20.91
CA GLY A 26 4.69 -30.18 -20.24
C GLY A 26 4.31 -30.03 -18.78
N PHE A 27 3.00 -30.08 -18.48
CA PHE A 27 2.59 -29.92 -17.08
C PHE A 27 3.10 -31.07 -16.23
N ALA A 28 3.09 -32.29 -16.77
CA ALA A 28 3.56 -33.43 -16.00
C ALA A 28 5.04 -33.33 -15.71
N ARG A 29 5.83 -32.85 -16.69
CA ARG A 29 7.25 -32.63 -16.42
C ARG A 29 7.44 -31.50 -15.41
N ALA A 30 6.64 -30.45 -15.55
CA ALA A 30 6.77 -29.28 -14.67
C ALA A 30 6.60 -29.67 -13.20
N ILE A 31 5.59 -30.49 -12.88
CA ILE A 31 5.39 -30.87 -11.48
C ILE A 31 6.32 -31.99 -11.07
N ALA A 32 6.89 -32.74 -12.02
CA ALA A 32 7.95 -33.67 -11.66
C ALA A 32 9.29 -32.96 -11.52
N ASP A 33 9.60 -32.03 -12.42
CA ASP A 33 10.89 -31.34 -12.34
C ASP A 33 10.90 -30.32 -11.21
N GLY A 34 9.74 -29.87 -10.76
CA GLY A 34 9.66 -28.81 -9.76
C GLY A 34 9.99 -27.43 -10.29
N PHE A 35 10.36 -27.32 -11.56
CA PHE A 35 10.78 -26.07 -12.19
C PHE A 35 10.24 -26.04 -13.62
N PHE A 36 9.81 -24.86 -14.06
CA PHE A 36 9.36 -24.73 -15.44
C PHE A 36 9.35 -23.26 -15.84
N PHE A 37 9.29 -23.02 -17.15
CA PHE A 37 9.34 -21.66 -17.68
C PHE A 37 7.93 -21.15 -17.96
N VAL A 38 7.71 -19.85 -17.73
CA VAL A 38 6.46 -19.21 -18.09
C VAL A 38 6.77 -17.90 -18.79
N LYS A 39 6.16 -17.70 -19.95
CA LYS A 39 6.34 -16.48 -20.72
C LYS A 39 5.87 -15.28 -19.92
N SER A 40 6.68 -14.23 -19.88
CA SER A 40 6.23 -12.99 -19.26
C SER A 40 5.14 -12.38 -20.13
N PRO A 41 4.00 -12.01 -19.56
CA PRO A 41 2.91 -11.40 -20.35
C PRO A 41 3.14 -9.91 -20.57
N SER A 42 4.19 -9.60 -21.34
CA SER A 42 4.54 -8.21 -21.68
C SER A 42 4.70 -7.33 -20.44
N LEU A 43 5.25 -7.89 -19.37
CA LEU A 43 5.44 -7.11 -18.16
C LEU A 43 6.62 -6.16 -18.30
N ASP A 44 6.46 -4.95 -17.77
CA ASP A 44 7.54 -3.97 -17.72
C ASP A 44 8.43 -4.32 -16.53
N LEU A 45 9.68 -4.70 -16.81
CA LEU A 45 10.61 -5.18 -15.80
C LEU A 45 11.72 -4.18 -15.49
N ALA A 46 11.61 -2.94 -15.97
CA ALA A 46 12.72 -2.00 -15.91
C ALA A 46 12.97 -1.50 -14.48
N ALA A 47 11.91 -1.27 -13.71
CA ALA A 47 12.11 -0.77 -12.35
C ALA A 47 12.83 -1.81 -11.50
N GLY A 48 12.46 -3.09 -11.66
CA GLY A 48 13.13 -4.15 -10.93
C GLY A 48 14.55 -4.38 -11.40
N ASP A 49 14.78 -4.31 -12.71
CA ASP A 49 16.13 -4.48 -13.23
C ASP A 49 17.05 -3.38 -12.72
N THR A 50 16.52 -2.15 -12.65
CA THR A 50 17.27 -1.01 -12.13
C THR A 50 17.58 -1.17 -10.64
N PHE A 51 16.56 -1.47 -9.83
CA PHE A 51 16.77 -1.72 -8.42
C PHE A 51 17.83 -2.80 -8.22
N ALA A 52 17.78 -3.87 -9.03
CA ALA A 52 18.71 -4.97 -8.85
C ALA A 52 20.16 -4.52 -9.03
N ARG A 53 20.39 -3.50 -9.84
CA ARG A 53 21.73 -3.02 -10.16
C ARG A 53 22.16 -1.84 -9.31
N ASN A 54 21.28 -1.33 -8.44
CA ASN A 54 21.52 -0.07 -7.75
C ASN A 54 21.24 -0.07 -6.24
N PHE A 55 20.45 -1.01 -5.70
CA PHE A 55 20.01 -0.85 -4.31
C PHE A 55 21.19 -0.83 -3.35
N TYR A 56 22.26 -1.55 -3.68
CA TYR A 56 23.44 -1.66 -2.83
C TYR A 56 24.45 -0.55 -3.06
N LEU A 57 24.22 0.31 -4.06
CA LEU A 57 25.13 1.42 -4.29
C LEU A 57 24.86 2.57 -3.32
N PRO A 58 25.85 3.41 -3.04
CA PRO A 58 25.58 4.63 -2.27
C PRO A 58 24.68 5.54 -3.07
N ARG A 59 23.78 6.23 -2.36
CA ARG A 59 22.81 7.08 -3.02
C ARG A 59 23.43 8.43 -3.38
N GLN A 60 23.22 8.86 -4.61
CA GLN A 60 23.64 10.20 -5.00
C GLN A 60 22.46 11.01 -5.50
N GLU A 61 22.69 11.87 -6.49
CA GLU A 61 21.66 12.81 -6.92
C GLU A 61 21.23 12.60 -8.36
N GLY A 62 21.78 11.61 -9.04
CA GLY A 62 21.32 11.28 -10.36
C GLY A 62 19.89 10.74 -10.38
N LEU A 63 19.46 10.40 -11.60
CA LEU A 63 18.15 9.82 -11.80
C LEU A 63 18.04 8.44 -11.18
N GLY A 64 19.15 7.78 -10.89
CA GLY A 64 19.08 6.49 -10.22
C GLY A 64 18.95 6.56 -8.72
N ALA A 65 19.04 7.76 -8.15
CA ALA A 65 18.98 7.93 -6.70
C ALA A 65 17.83 7.21 -6.03
N PRO A 66 16.58 7.22 -6.53
CA PRO A 66 15.50 6.54 -5.81
C PRO A 66 15.72 5.05 -5.68
N TYR A 67 16.62 4.47 -6.47
CA TYR A 67 16.88 3.04 -6.47
C TYR A 67 18.16 2.70 -5.72
N GLN A 68 18.78 3.68 -5.07
CA GLN A 68 20.07 3.54 -4.43
C GLN A 68 19.94 3.76 -2.93
N GLY A 69 20.96 3.31 -2.19
CA GLY A 69 21.06 3.61 -0.77
C GLY A 69 20.17 2.77 0.12
N PHE A 70 19.80 1.58 -0.31
CA PHE A 70 18.87 0.76 0.45
C PHE A 70 19.54 0.01 1.61
N SER A 71 20.84 0.23 1.80
CA SER A 71 21.49 -0.12 3.07
C SER A 71 20.84 0.58 4.26
N GLN A 72 20.12 1.69 4.05
CA GLN A 72 19.40 2.32 5.17
C GLN A 72 18.19 1.49 5.62
N TRP A 73 17.70 0.58 4.79
CA TRP A 73 16.49 -0.20 5.12
C TRP A 73 16.92 -1.53 5.75
N THR A 74 17.19 -1.48 7.04
CA THR A 74 17.61 -2.67 7.78
C THR A 74 16.45 -3.20 8.62
N GLU A 75 16.68 -4.35 9.26
CA GLU A 75 15.64 -5.05 9.99
C GLU A 75 14.96 -4.16 11.01
N ASP A 76 15.73 -3.33 11.71
CA ASP A 76 15.16 -2.55 12.80
C ASP A 76 14.13 -1.56 12.31
N ARG A 77 14.16 -1.21 11.03
CA ARG A 77 13.15 -0.33 10.47
C ARG A 77 11.99 -1.10 9.85
N LEU A 78 12.07 -2.43 9.77
CA LEU A 78 11.07 -3.20 9.06
C LEU A 78 10.55 -4.33 9.95
N ALA A 79 11.09 -5.53 9.77
CA ALA A 79 10.93 -6.62 10.73
C ALA A 79 12.15 -7.50 10.57
N ARG A 80 12.29 -8.46 11.47
CA ARG A 80 13.42 -9.38 11.38
C ARG A 80 13.45 -10.08 10.02
N ARG A 81 14.66 -10.19 9.47
CA ARG A 81 14.96 -10.81 8.19
C ARG A 81 14.40 -10.03 6.99
N GLU A 82 13.92 -8.82 7.21
CA GLU A 82 13.53 -7.97 6.09
C GLU A 82 14.63 -6.97 5.78
N GLY A 83 14.68 -6.52 4.53
CA GLY A 83 15.55 -5.43 4.14
C GLY A 83 16.89 -5.85 3.59
N TYR A 84 17.89 -5.02 3.85
CA TYR A 84 19.19 -5.16 3.24
C TYR A 84 20.05 -6.12 4.05
N PHE A 85 20.75 -7.02 3.34
CA PHE A 85 21.71 -7.93 3.95
C PHE A 85 22.94 -8.06 3.07
N SER A 86 24.12 -7.90 3.66
CA SER A 86 25.37 -8.25 3.00
C SER A 86 25.87 -9.48 3.75
N ARG A 87 25.49 -10.65 3.29
CA ARG A 87 26.06 -11.88 3.81
C ARG A 87 27.26 -12.27 2.95
N ASP A 88 28.22 -12.96 3.57
CA ASP A 88 29.52 -13.18 2.96
C ASP A 88 29.84 -14.63 2.67
N VAL A 89 29.16 -15.59 3.31
CA VAL A 89 29.42 -17.00 3.05
C VAL A 89 29.05 -17.40 1.63
N ASP A 90 28.14 -16.66 1.00
CA ASP A 90 27.91 -16.74 -0.44
C ASP A 90 28.18 -15.37 -1.04
N GLN A 91 28.27 -15.34 -2.36
CA GLN A 91 28.50 -14.07 -3.04
C GLN A 91 27.32 -13.12 -2.89
N VAL A 92 26.17 -13.60 -2.43
CA VAL A 92 24.93 -12.87 -2.64
C VAL A 92 24.77 -11.78 -1.59
N GLU A 93 24.53 -10.58 -2.09
CA GLU A 93 24.09 -9.42 -1.34
C GLU A 93 22.61 -9.24 -1.67
N GLN A 94 21.76 -9.11 -0.66
CA GLN A 94 20.33 -9.27 -0.90
C GLN A 94 19.51 -8.10 -0.37
N PHE A 95 18.28 -8.00 -0.91
CA PHE A 95 17.26 -7.11 -0.36
C PHE A 95 15.95 -7.88 -0.35
N PHE A 96 15.44 -8.18 0.85
CA PHE A 96 14.22 -8.96 1.06
C PHE A 96 13.11 -7.99 1.43
N LEU A 97 11.94 -8.10 0.82
CA LEU A 97 10.88 -7.20 1.26
C LEU A 97 9.49 -7.79 1.07
N GLU A 98 8.79 -7.93 2.19
CA GLU A 98 7.40 -8.41 2.16
C GLU A 98 6.46 -7.29 1.72
N SER A 99 5.33 -7.69 1.12
CA SER A 99 4.44 -6.75 0.44
C SER A 99 3.94 -5.63 1.35
N ARG A 100 3.72 -5.90 2.64
CA ARG A 100 3.20 -4.83 3.49
C ARG A 100 4.16 -3.65 3.57
N PHE A 101 5.45 -3.85 3.27
CA PHE A 101 6.42 -2.76 3.28
C PHE A 101 6.61 -2.10 1.91
N TRP A 102 6.02 -2.65 0.84
CA TRP A 102 6.37 -2.20 -0.51
C TRP A 102 6.08 -0.72 -0.74
N GLN A 103 4.90 -0.25 -0.33
CA GLN A 103 4.55 1.14 -0.63
C GLN A 103 5.46 2.11 0.12
N THR A 104 5.88 1.74 1.33
CA THR A 104 6.75 2.59 2.14
C THR A 104 8.18 2.66 1.57
N VAL A 105 8.69 1.55 1.09
CA VAL A 105 10.13 1.40 0.81
C VAL A 105 10.47 1.60 -0.66
N PHE A 106 9.67 1.02 -1.58
CA PHE A 106 10.00 0.99 -3.00
C PHE A 106 9.57 2.27 -3.70
N PRO A 107 10.36 2.79 -4.65
CA PRO A 107 9.88 3.87 -5.53
C PRO A 107 8.64 3.43 -6.32
N GLY A 108 7.81 4.42 -6.66
CA GLY A 108 6.57 4.18 -7.40
C GLY A 108 6.62 3.11 -8.48
N PRO A 109 7.53 3.26 -9.45
CA PRO A 109 7.57 2.27 -10.54
C PRO A 109 7.91 0.87 -10.07
N LEU A 110 8.74 0.72 -9.04
CA LEU A 110 9.01 -0.62 -8.51
C LEU A 110 7.82 -1.15 -7.70
N LEU A 111 7.17 -0.28 -6.94
CA LEU A 111 5.93 -0.68 -6.28
C LEU A 111 4.96 -1.32 -7.27
N ARG A 112 4.74 -0.66 -8.42
CA ARG A 112 3.83 -1.19 -9.41
C ARG A 112 4.31 -2.51 -9.98
N GLN A 113 5.62 -2.62 -10.23
CA GLN A 113 6.14 -3.87 -10.76
C GLN A 113 5.96 -5.00 -9.77
N ALA A 114 6.21 -4.74 -8.49
CA ALA A 114 6.06 -5.78 -7.47
C ALA A 114 4.61 -6.24 -7.38
N GLU A 115 3.67 -5.29 -7.41
CA GLU A 115 2.27 -5.67 -7.36
C GLU A 115 1.85 -6.46 -8.60
N ARG A 116 2.38 -6.10 -9.78
CA ARG A 116 2.03 -6.88 -10.97
C ARG A 116 2.69 -8.26 -10.92
N MET A 117 3.91 -8.36 -10.38
CA MET A 117 4.53 -9.68 -10.22
C MET A 117 3.74 -10.55 -9.26
N ARG A 118 3.23 -9.96 -8.17
CA ARG A 118 2.42 -10.72 -7.22
C ARG A 118 1.16 -11.25 -7.88
N SER A 119 0.45 -10.40 -8.62
CA SER A 119 -0.79 -10.85 -9.24
C SER A 119 -0.52 -11.89 -10.32
N PHE A 120 0.54 -11.71 -11.12
CA PHE A 120 0.94 -12.73 -12.08
C PHE A 120 1.26 -14.04 -11.38
N SER A 121 2.02 -14.00 -10.26
N SER A 121 2.03 -13.99 -10.27
CA SER A 121 2.37 -15.22 -9.56
CA SER A 121 2.38 -15.22 -9.55
C SER A 121 1.14 -15.95 -9.06
C SER A 121 1.13 -15.95 -9.07
N LEU A 122 0.11 -15.19 -8.65
CA LEU A 122 -1.12 -15.82 -8.18
C LEU A 122 -1.95 -16.37 -9.34
N GLU A 123 -1.92 -15.72 -10.51
CA GLU A 123 -2.54 -16.33 -11.68
C GLU A 123 -1.86 -17.64 -12.08
N VAL A 124 -0.53 -17.69 -11.96
CA VAL A 124 0.17 -18.93 -12.23
C VAL A 124 -0.24 -20.01 -11.24
N LEU A 125 -0.29 -19.65 -9.96
CA LEU A 125 -0.72 -20.59 -8.92
C LEU A 125 -2.10 -21.17 -9.25
N ARG A 126 -3.05 -20.29 -9.59
CA ARG A 126 -4.39 -20.77 -9.90
C ARG A 126 -4.37 -21.67 -11.12
N ALA A 127 -3.54 -21.31 -12.11
CA ALA A 127 -3.47 -22.14 -13.31
C ALA A 127 -2.89 -23.52 -13.00
N VAL A 128 -1.94 -23.61 -12.08
CA VAL A 128 -1.43 -24.91 -11.66
C VAL A 128 -2.51 -25.70 -10.92
N LEU A 129 -3.19 -25.06 -9.95
CA LEU A 129 -4.21 -25.78 -9.19
C LEU A 129 -5.30 -26.32 -10.09
N ALA A 130 -5.61 -25.62 -11.18
CA ALA A 130 -6.62 -26.08 -12.13
C ALA A 130 -6.28 -27.46 -12.70
N GLU A 131 -5.00 -27.82 -12.80
CA GLU A 131 -4.64 -29.12 -13.34
C GLU A 131 -4.43 -30.18 -12.27
N LEU A 132 -4.46 -29.81 -11.00
CA LEU A 132 -4.14 -30.77 -9.95
C LEU A 132 -5.37 -31.53 -9.48
N ASP A 133 -5.11 -32.62 -8.77
CA ASP A 133 -6.15 -33.35 -8.03
C ASP A 133 -6.45 -32.57 -6.76
N LEU A 134 -7.28 -31.52 -6.92
CA LEU A 134 -7.62 -30.61 -5.83
C LEU A 134 -8.91 -29.86 -6.11
N PRO A 135 -10.00 -30.21 -5.43
CA PRO A 135 -11.30 -29.57 -5.72
C PRO A 135 -11.23 -28.06 -5.56
N VAL A 136 -11.87 -27.35 -6.51
CA VAL A 136 -11.74 -25.89 -6.59
C VAL A 136 -12.23 -25.22 -5.32
N GLU A 137 -13.22 -25.82 -4.64
CA GLU A 137 -13.77 -25.17 -3.46
C GLU A 137 -12.76 -25.11 -2.33
N LEU A 138 -11.68 -25.89 -2.40
CA LEU A 138 -10.69 -25.95 -1.34
C LEU A 138 -9.47 -25.07 -1.59
N TRP A 139 -9.37 -24.40 -2.74
CA TRP A 139 -8.11 -23.80 -3.16
C TRP A 139 -7.64 -22.74 -2.16
N ASP A 140 -8.55 -21.85 -1.73
CA ASP A 140 -8.11 -20.72 -0.90
C ASP A 140 -7.57 -21.18 0.44
N GLU A 141 -8.29 -22.09 1.10
CA GLU A 141 -7.85 -22.60 2.39
C GLU A 141 -6.64 -23.52 2.25
N ALA A 142 -6.63 -24.35 1.20
CA ALA A 142 -5.54 -25.31 1.02
C ALA A 142 -4.20 -24.60 0.86
N THR A 143 -4.20 -23.45 0.20
CA THR A 143 -2.96 -22.73 -0.07
C THR A 143 -2.76 -21.54 0.86
N GLY A 144 -3.33 -21.60 2.06
CA GLY A 144 -2.96 -20.68 3.12
C GLY A 144 -3.48 -19.27 2.97
N ARG A 145 -4.58 -19.09 2.24
CA ARG A 145 -5.24 -17.81 2.01
C ARG A 145 -4.36 -16.82 1.24
N CYS A 146 -3.34 -17.30 0.53
CA CYS A 146 -2.59 -16.39 -0.33
C CYS A 146 -3.42 -15.95 -1.53
N LEU A 147 -4.38 -16.77 -1.96
CA LEU A 147 -5.17 -16.42 -3.15
C LEU A 147 -6.14 -15.29 -2.86
N SER A 148 -6.57 -15.13 -1.61
CA SER A 148 -7.46 -14.04 -1.22
C SER A 148 -6.70 -12.87 -0.60
N MET A 149 -5.42 -12.74 -0.96
CA MET A 149 -4.59 -11.58 -0.63
C MET A 149 -4.30 -11.48 0.87
N GLN A 150 -4.29 -12.61 1.57
CA GLN A 150 -3.97 -12.65 2.99
C GLN A 150 -2.67 -13.39 3.27
N GLY A 151 -1.94 -13.75 2.23
CA GLY A 151 -0.71 -14.50 2.40
C GLY A 151 0.49 -13.60 2.65
N THR A 152 1.66 -14.17 2.43
CA THR A 152 2.95 -13.52 2.64
C THR A 152 3.68 -13.53 1.31
N TYR A 153 4.06 -12.34 0.81
CA TYR A 153 4.58 -12.21 -0.54
C TYR A 153 5.88 -11.43 -0.44
N HIS A 154 6.99 -12.07 -0.77
CA HIS A 154 8.29 -11.41 -0.75
C HIS A 154 8.76 -11.15 -2.17
N LEU A 155 9.25 -9.94 -2.42
CA LEU A 155 10.09 -9.63 -3.57
C LEU A 155 11.52 -9.55 -3.04
N THR A 156 12.40 -10.40 -3.55
CA THR A 156 13.75 -10.47 -3.02
C THR A 156 14.74 -10.27 -4.16
N PHE A 157 15.74 -9.43 -3.92
CA PHE A 157 16.75 -9.10 -4.92
C PHE A 157 18.07 -9.75 -4.54
N ASN A 158 18.76 -10.30 -5.53
CA ASN A 158 20.05 -10.97 -5.35
C ASN A 158 21.10 -10.28 -6.19
N HIS A 159 22.16 -9.78 -5.54
CA HIS A 159 23.32 -9.25 -6.23
C HIS A 159 24.50 -10.19 -5.97
N PHE A 160 25.00 -10.82 -7.02
CA PHE A 160 26.08 -11.79 -6.90
C PHE A 160 27.39 -11.05 -7.07
N ARG A 161 28.20 -11.03 -6.02
CA ARG A 161 29.43 -10.25 -5.99
C ARG A 161 30.56 -11.13 -6.51
N SER A 162 31.04 -10.82 -7.72
CA SER A 162 32.07 -11.65 -8.34
C SER A 162 33.38 -11.59 -7.56
N HIS A 163 33.65 -10.47 -6.90
CA HIS A 163 34.90 -10.29 -6.17
C HIS A 163 34.96 -11.14 -4.91
N VAL A 164 33.81 -11.60 -4.41
CA VAL A 164 33.75 -12.46 -3.23
C VAL A 164 33.91 -13.91 -3.67
N ARG A 165 34.64 -14.69 -2.87
CA ARG A 165 35.09 -16.03 -3.25
C ARG A 165 34.26 -17.07 -2.51
N ALA A 166 33.12 -17.45 -3.08
CA ALA A 166 32.28 -18.48 -2.46
C ALA A 166 31.21 -18.92 -3.44
N ARG A 167 30.33 -19.81 -2.96
CA ARG A 167 29.15 -20.22 -3.69
C ARG A 167 28.32 -19.01 -4.11
N GLY A 168 27.67 -19.15 -5.27
CA GLY A 168 26.67 -18.17 -5.67
C GLY A 168 25.62 -18.01 -4.60
N LEU A 169 24.83 -19.07 -4.36
CA LEU A 169 24.09 -19.23 -3.11
C LEU A 169 23.84 -20.71 -2.89
N ASN A 170 23.80 -21.09 -1.61
CA ASN A 170 23.86 -22.48 -1.20
C ASN A 170 22.57 -23.21 -1.58
N VAL A 171 22.65 -24.54 -1.53
CA VAL A 171 21.50 -25.39 -1.82
C VAL A 171 20.36 -25.04 -0.89
N HIS A 172 19.17 -24.92 -1.44
CA HIS A 172 17.99 -24.65 -0.62
C HIS A 172 16.76 -25.07 -1.42
N LYS A 173 15.71 -25.37 -0.67
CA LYS A 173 14.36 -25.49 -1.19
C LYS A 173 13.53 -24.30 -0.70
N ASP A 174 12.64 -23.81 -1.55
CA ASP A 174 11.74 -22.74 -1.14
C ASP A 174 10.66 -23.28 -0.20
N SER A 175 10.14 -22.39 0.66
CA SER A 175 9.17 -22.75 1.69
C SER A 175 7.73 -22.87 1.18
N GLY A 176 7.33 -22.02 0.24
CA GLY A 176 5.92 -21.79 0.02
C GLY A 176 5.24 -22.48 -1.16
N TRP A 177 4.54 -21.69 -1.97
CA TRP A 177 3.66 -22.26 -2.98
C TRP A 177 4.32 -22.23 -4.35
N VAL A 178 4.51 -21.04 -4.88
CA VAL A 178 5.23 -20.83 -6.14
C VAL A 178 6.20 -19.69 -5.93
N THR A 179 7.26 -19.70 -6.71
CA THR A 179 8.25 -18.64 -6.78
C THR A 179 8.39 -18.27 -8.24
N ILE A 180 8.41 -16.98 -8.54
CA ILE A 180 8.55 -16.51 -9.91
C ILE A 180 9.89 -15.77 -9.98
N LEU A 181 10.81 -16.28 -10.80
CA LEU A 181 12.19 -15.83 -10.80
C LEU A 181 12.49 -15.07 -12.09
N ARG A 182 12.99 -13.85 -11.94
CA ARG A 182 13.46 -13.04 -13.06
C ARG A 182 14.99 -13.10 -13.06
N SER A 183 15.57 -13.68 -14.10
CA SER A 183 17.02 -13.71 -14.21
C SER A 183 17.38 -13.67 -15.70
N LEU A 184 18.61 -13.27 -15.98
CA LEU A 184 19.05 -13.08 -17.36
C LEU A 184 20.26 -13.91 -17.73
N GLU A 185 21.00 -14.45 -16.77
CA GLU A 185 22.29 -15.05 -17.01
C GLU A 185 22.36 -16.43 -16.38
N PRO A 186 23.24 -17.30 -16.88
CA PRO A 186 23.40 -18.63 -16.28
C PRO A 186 23.79 -18.54 -14.82
N GLY A 187 23.60 -19.67 -14.12
CA GLY A 187 24.04 -19.80 -12.76
C GLY A 187 23.15 -20.73 -12.00
N LEU A 188 21.85 -20.69 -12.31
CA LEU A 188 20.90 -21.55 -11.63
C LEU A 188 21.13 -23.01 -11.97
N GLU A 189 21.10 -23.85 -10.94
CA GLU A 189 21.12 -25.29 -11.14
C GLU A 189 20.10 -25.92 -10.20
N VAL A 190 19.40 -26.93 -10.70
CA VAL A 190 18.33 -27.61 -9.97
C VAL A 190 18.65 -29.10 -9.91
N LEU A 191 18.18 -29.75 -8.85
CA LEU A 191 18.47 -31.16 -8.63
C LEU A 191 17.45 -32.00 -9.39
N ARG A 192 17.94 -32.81 -10.33
CA ARG A 192 17.06 -33.67 -11.12
C ARG A 192 17.72 -35.03 -11.29
N GLU A 193 17.04 -36.08 -10.82
CA GLU A 193 17.51 -37.46 -10.95
C GLU A 193 18.93 -37.61 -10.41
N GLY A 194 19.18 -37.02 -9.24
CA GLY A 194 20.45 -37.14 -8.56
C GLY A 194 21.52 -36.18 -9.00
N ASP A 195 21.40 -35.59 -10.19
CA ASP A 195 22.42 -34.71 -10.74
C ASP A 195 21.96 -33.26 -10.76
N TRP A 196 22.93 -32.36 -10.78
CA TRP A 196 22.67 -30.93 -10.82
C TRP A 196 22.53 -30.47 -12.27
N LEU A 197 21.37 -29.92 -12.60
CA LEU A 197 21.02 -29.58 -13.97
C LEU A 197 21.12 -28.08 -14.15
N PRO A 198 22.06 -27.59 -14.96
CA PRO A 198 22.11 -26.15 -15.23
C PRO A 198 20.87 -25.71 -15.99
N VAL A 199 20.37 -24.54 -15.65
CA VAL A 199 19.18 -23.97 -16.28
C VAL A 199 19.55 -22.60 -16.82
N SER A 200 19.56 -22.46 -18.14
CA SER A 200 19.84 -21.13 -18.63
C SER A 200 18.54 -20.35 -18.79
N PRO A 201 18.53 -19.10 -18.35
CA PRO A 201 17.34 -18.27 -18.51
C PRO A 201 17.00 -18.11 -19.98
N ARG A 202 15.72 -17.83 -20.25
CA ARG A 202 15.23 -17.60 -21.59
C ARG A 202 14.68 -16.19 -21.69
N PRO A 203 14.99 -15.48 -22.77
CA PRO A 203 14.56 -14.08 -22.87
C PRO A 203 13.05 -13.97 -22.83
N GLY A 204 12.56 -13.02 -22.04
CA GLY A 204 11.15 -12.74 -21.94
C GLY A 204 10.33 -13.75 -21.18
N GLU A 205 10.98 -14.66 -20.46
CA GLU A 205 10.30 -15.70 -19.69
C GLU A 205 10.75 -15.65 -18.23
N PHE A 206 9.88 -16.09 -17.33
CA PHE A 206 10.27 -16.29 -15.94
C PHE A 206 10.51 -17.76 -15.69
N ILE A 207 11.29 -18.05 -14.67
CA ILE A 207 11.43 -19.40 -14.16
C ILE A 207 10.53 -19.54 -12.95
N VAL A 208 9.71 -20.60 -12.92
CA VAL A 208 8.76 -20.87 -11.85
C VAL A 208 9.13 -22.15 -11.14
N ASN A 209 9.07 -22.15 -9.80
CA ASN A 209 9.24 -23.39 -9.06
C ASN A 209 8.30 -23.43 -7.86
N PHE A 210 8.23 -24.59 -7.24
CA PHE A 210 7.31 -24.89 -6.17
C PHE A 210 8.06 -24.99 -4.85
N GLY A 211 7.36 -24.72 -3.74
CA GLY A 211 7.95 -24.79 -2.42
C GLY A 211 7.40 -25.94 -1.60
N CYS A 212 7.95 -26.08 -0.39
CA CYS A 212 7.63 -27.24 0.44
C CYS A 212 6.14 -27.33 0.74
N ALA A 213 5.48 -26.20 0.98
CA ALA A 213 4.05 -26.23 1.24
C ALA A 213 3.29 -26.87 0.08
N MET A 214 3.70 -26.59 -1.16
CA MET A 214 3.00 -27.20 -2.28
C MET A 214 3.18 -28.72 -2.28
N GLU A 215 4.39 -29.20 -1.98
CA GLU A 215 4.60 -30.64 -1.94
C GLU A 215 3.82 -31.29 -0.80
N ILE A 216 3.81 -30.64 0.37
CA ILE A 216 3.04 -31.19 1.49
C ILE A 216 1.57 -31.32 1.11
N LEU A 217 1.04 -30.32 0.38
CA LEU A 217 -0.39 -30.34 0.09
C LEU A 217 -0.76 -31.50 -0.81
N THR A 218 0.08 -31.78 -1.82
CA THR A 218 -0.28 -32.63 -2.94
C THR A 218 0.28 -34.05 -2.87
N ARG A 219 1.25 -34.32 -2.01
CA ARG A 219 1.99 -35.57 -2.11
C ARG A 219 1.16 -36.81 -1.77
N HIS A 220 -0.06 -36.66 -1.25
CA HIS A 220 -0.94 -37.80 -1.03
C HIS A 220 -2.13 -37.80 -1.98
N SER A 221 -2.03 -37.08 -3.07
CA SER A 221 -3.06 -36.99 -4.09
C SER A 221 -2.62 -37.75 -5.33
N ALA A 222 -3.48 -37.72 -6.35
CA ALA A 222 -3.15 -38.32 -7.63
C ALA A 222 -2.10 -37.53 -8.40
N THR A 223 -1.79 -36.30 -7.99
CA THR A 223 -0.86 -35.43 -8.70
C THR A 223 0.11 -34.79 -7.72
N PRO A 224 1.07 -35.56 -7.21
CA PRO A 224 2.08 -34.97 -6.32
C PRO A 224 2.94 -33.97 -7.06
N VAL A 225 3.26 -32.87 -6.39
CA VAL A 225 4.09 -31.82 -6.95
C VAL A 225 5.37 -31.74 -6.14
N ALA A 226 6.50 -31.69 -6.83
CA ALA A 226 7.80 -31.73 -6.16
C ALA A 226 8.26 -30.31 -5.84
N ALA A 227 8.79 -30.14 -4.63
CA ALA A 227 9.60 -28.98 -4.29
C ALA A 227 11.04 -29.43 -4.43
N VAL A 228 11.78 -28.75 -5.29
CA VAL A 228 13.08 -29.24 -5.75
C VAL A 228 14.18 -28.30 -5.28
N ALA A 229 15.28 -28.91 -4.83
CA ALA A 229 16.47 -28.17 -4.41
C ALA A 229 17.15 -27.48 -5.58
N HIS A 230 17.74 -26.32 -5.31
CA HIS A 230 18.40 -25.54 -6.34
C HIS A 230 19.47 -24.69 -5.70
N ARG A 231 20.35 -24.15 -6.54
CA ARG A 231 21.54 -23.44 -6.10
C ARG A 231 21.99 -22.56 -7.26
N VAL A 232 22.91 -21.64 -6.98
CA VAL A 232 23.52 -20.82 -8.00
C VAL A 232 25.04 -21.03 -7.97
N GLN A 233 25.62 -21.24 -9.15
CA GLN A 233 27.05 -21.46 -9.25
C GLN A 233 27.82 -20.17 -9.00
N GLU A 234 29.00 -20.32 -8.39
CA GLU A 234 29.91 -19.20 -8.16
C GLU A 234 30.11 -18.39 -9.43
N GLN A 235 30.04 -17.06 -9.29
CA GLN A 235 30.23 -16.15 -10.41
C GLN A 235 31.67 -15.64 -10.41
N LEU A 236 32.27 -15.60 -11.60
CA LEU A 236 33.71 -15.34 -11.63
C LEU A 236 34.01 -13.85 -11.76
N PRO A 237 35.09 -13.39 -11.13
CA PRO A 237 35.49 -11.99 -11.27
C PRO A 237 36.17 -11.72 -12.59
N GLY A 238 35.61 -12.29 -13.65
CA GLY A 238 35.89 -11.88 -15.00
C GLY A 238 34.73 -11.05 -15.47
N GLN A 239 34.36 -10.07 -14.64
CA GLN A 239 33.27 -9.12 -14.86
C GLN A 239 31.90 -9.79 -14.81
N ALA A 240 31.59 -10.46 -13.70
CA ALA A 240 30.27 -11.07 -13.57
C ALA A 240 29.22 -10.05 -13.14
N ASP A 241 29.19 -9.77 -11.85
CA ASP A 241 28.01 -9.28 -11.15
C ASP A 241 26.74 -9.70 -11.85
N ARG A 242 26.28 -10.87 -11.50
CA ARG A 242 24.97 -11.35 -11.90
C ARG A 242 23.94 -10.78 -10.95
N PHE A 243 22.70 -10.71 -11.43
N PHE A 243 22.71 -10.64 -11.43
CA PHE A 243 21.57 -10.15 -10.68
CA PHE A 243 21.61 -10.24 -10.56
C PHE A 243 20.36 -11.02 -10.92
C PHE A 243 20.39 -11.09 -10.88
N SER A 244 19.49 -11.14 -9.91
CA SER A 244 18.22 -11.81 -10.12
C SER A 244 17.27 -11.30 -9.05
N TYR A 245 15.99 -11.59 -9.23
CA TYR A 245 15.02 -11.25 -8.21
C TYR A 245 13.79 -12.11 -8.42
N ALA A 246 13.14 -12.44 -7.31
CA ALA A 246 12.04 -13.41 -7.37
C ALA A 246 10.92 -12.97 -6.44
N LEU A 247 9.70 -13.34 -6.83
CA LEU A 247 8.51 -13.14 -6.01
C LEU A 247 8.17 -14.48 -5.38
N PHE A 248 8.16 -14.53 -4.04
CA PHE A 248 7.84 -15.74 -3.29
C PHE A 248 6.43 -15.61 -2.74
N VAL A 249 5.63 -16.65 -2.96
CA VAL A 249 4.27 -16.70 -2.41
C VAL A 249 4.26 -17.72 -1.28
N ASP A 250 3.87 -17.26 -0.09
CA ASP A 250 3.79 -18.10 1.10
C ASP A 250 2.40 -17.97 1.73
N SER A 251 2.07 -18.92 2.61
CA SER A 251 0.80 -18.87 3.33
C SER A 251 0.78 -17.70 4.30
N SER A 252 -0.43 -17.30 4.72
CA SER A 252 -0.54 -16.49 5.91
C SER A 252 0.12 -17.20 7.07
N LEU A 253 0.85 -16.47 7.88
CA LEU A 253 1.47 -17.02 9.06
C LEU A 253 0.65 -16.77 10.32
N ASP A 254 -0.53 -16.18 10.18
CA ASP A 254 -1.42 -15.92 11.31
C ASP A 254 -2.34 -17.12 11.52
N PRO A 255 -2.15 -17.89 12.61
CA PRO A 255 -3.01 -19.07 12.83
C PRO A 255 -4.48 -18.74 12.84
N ARG A 256 -4.83 -17.49 13.15
CA ARG A 256 -6.23 -17.11 13.16
C ARG A 256 -6.77 -16.96 11.75
N THR A 257 -5.89 -16.91 10.75
CA THR A 257 -6.25 -16.82 9.33
C THR A 257 -5.96 -18.11 8.58
N CYS A 258 -4.78 -18.67 8.80
CA CYS A 258 -4.39 -19.96 8.21
C CYS A 258 -3.93 -20.84 9.35
N PRO A 259 -4.64 -21.93 9.66
CA PRO A 259 -4.28 -22.73 10.83
C PRO A 259 -2.98 -23.50 10.68
N GLY A 260 -2.42 -23.62 9.47
CA GLY A 260 -1.18 -24.34 9.32
C GLY A 260 -1.07 -24.95 7.93
N LEU A 261 -0.39 -26.10 7.88
CA LEU A 261 -0.07 -26.75 6.61
C LEU A 261 -1.02 -27.93 6.40
N PHE A 262 -1.79 -27.89 5.32
CA PHE A 262 -2.76 -28.92 4.98
C PHE A 262 -2.18 -29.96 4.03
N ARG A 263 -2.73 -31.16 4.11
CA ARG A 263 -2.63 -32.14 3.05
C ARG A 263 -4.02 -32.35 2.48
N TYR A 264 -4.11 -32.53 1.17
CA TYR A 264 -5.36 -32.91 0.55
C TYR A 264 -5.40 -34.43 0.46
N LEU A 265 -6.45 -35.02 1.02
CA LEU A 265 -6.69 -36.46 0.94
C LEU A 265 -7.89 -36.73 0.04
N PRO A 266 -7.69 -37.32 -1.14
CA PRO A 266 -8.83 -37.58 -2.04
C PRO A 266 -9.93 -38.33 -1.33
N GLY A 267 -11.17 -37.94 -1.61
CA GLY A 267 -12.33 -38.53 -0.95
C GLY A 267 -12.62 -37.94 0.41
N HIS A 268 -11.59 -37.44 1.09
CA HIS A 268 -11.71 -36.97 2.46
C HIS A 268 -11.64 -35.45 2.61
N GLY A 269 -10.88 -34.75 1.77
CA GLY A 269 -10.78 -33.30 1.88
C GLY A 269 -9.47 -32.85 2.49
N LEU A 270 -9.43 -31.66 3.09
CA LEU A 270 -8.20 -31.14 3.68
C LEU A 270 -8.01 -31.67 5.09
N VAL A 271 -6.80 -32.11 5.40
CA VAL A 271 -6.41 -32.52 6.74
C VAL A 271 -5.28 -31.63 7.19
N LEU A 272 -5.37 -31.09 8.41
CA LEU A 272 -4.34 -30.19 8.90
C LEU A 272 -3.16 -31.03 9.39
N GLU A 273 -2.04 -30.97 8.67
CA GLU A 273 -0.87 -31.77 9.00
C GLU A 273 0.08 -31.07 9.96
N ALA A 274 0.12 -29.74 9.94
CA ALA A 274 0.89 -28.97 10.92
C ALA A 274 -0.03 -27.90 11.47
N ASP A 275 -0.23 -27.91 12.78
CA ASP A 275 -1.20 -27.03 13.45
C ASP A 275 -0.38 -25.90 14.07
N PHE A 276 -0.38 -24.74 13.41
CA PHE A 276 0.52 -23.65 13.82
C PHE A 276 0.24 -23.21 15.25
N GLU A 277 -1.03 -23.05 15.61
CA GLU A 277 -1.32 -22.58 16.96
C GLU A 277 -0.87 -23.60 18.00
N MET A 278 -1.13 -24.89 17.76
CA MET A 278 -0.63 -25.92 18.67
C MET A 278 0.88 -25.83 18.84
N PHE A 279 1.62 -25.62 17.74
CA PHE A 279 3.07 -25.55 17.86
C PHE A 279 3.50 -24.29 18.61
N LEU A 280 2.82 -23.17 18.39
CA LEU A 280 3.17 -21.97 19.14
C LEU A 280 2.90 -22.14 20.63
N ASN A 281 1.83 -22.86 20.97
CA ASN A 281 1.58 -23.17 22.38
C ASN A 281 2.70 -24.01 22.97
N GLU A 282 3.22 -24.97 22.19
CA GLU A 282 4.34 -25.76 22.68
C GLU A 282 5.61 -24.92 22.84
N ILE A 283 5.84 -23.97 21.92
CA ILE A 283 7.03 -23.13 22.02
C ILE A 283 6.95 -22.21 23.23
N LEU A 284 5.75 -21.73 23.53
CA LEU A 284 5.53 -20.93 24.73
C LEU A 284 5.91 -21.72 25.98
N HIS A 285 5.44 -22.95 26.07
CA HIS A 285 5.75 -23.76 27.25
C HIS A 285 7.24 -24.07 27.32
N ASN A 286 7.86 -24.39 26.18
CA ASN A 286 9.31 -24.62 26.18
C ASN A 286 10.06 -23.37 26.58
N THR A 287 9.67 -22.21 26.02
CA THR A 287 10.33 -20.97 26.39
C THR A 287 10.14 -20.67 27.87
N TYR A 288 8.94 -20.94 28.40
CA TYR A 288 8.68 -20.72 29.81
C TYR A 288 9.55 -21.63 30.66
N GLN A 289 9.63 -22.91 30.31
CA GLN A 289 10.41 -23.87 31.09
C GLN A 289 11.91 -23.63 30.93
N GLU A 290 12.37 -23.26 29.73
CA GLU A 290 13.81 -23.18 29.48
C GLU A 290 14.44 -22.03 30.24
N ASN A 291 13.99 -20.80 29.98
CA ASN A 291 14.60 -19.58 30.49
C ASN A 291 16.11 -19.56 30.17
N ALA B 5 -2.44 -20.87 53.86
CA ALA B 5 -3.45 -21.92 53.69
C ALA B 5 -4.85 -21.36 53.95
N THR B 6 -4.92 -20.40 54.85
CA THR B 6 -6.07 -19.52 54.99
C THR B 6 -5.75 -18.11 54.48
N TYR B 7 -4.57 -17.97 53.89
CA TYR B 7 -4.09 -16.71 53.35
C TYR B 7 -5.10 -16.06 52.41
N ALA B 8 -5.20 -14.73 52.48
CA ALA B 8 -6.15 -13.95 51.67
C ALA B 8 -5.40 -13.22 50.56
N LEU B 9 -5.83 -13.40 49.31
CA LEU B 9 -5.22 -12.65 48.23
C LEU B 9 -5.42 -11.15 48.42
N ALA B 10 -4.52 -10.37 47.82
CA ALA B 10 -4.66 -8.93 47.77
C ALA B 10 -5.87 -8.55 46.91
N SER B 11 -6.41 -7.36 47.17
CA SER B 11 -7.59 -6.86 46.47
C SER B 11 -7.41 -5.39 46.14
N ALA B 12 -7.83 -5.02 44.93
CA ALA B 12 -7.65 -3.64 44.48
C ALA B 12 -8.92 -3.14 43.80
N GLU B 13 -8.96 -1.83 43.64
CA GLU B 13 -9.97 -1.14 42.87
C GLU B 13 -9.26 -0.33 41.80
N LEU B 14 -9.82 -0.33 40.60
CA LEU B 14 -9.26 0.43 39.48
C LEU B 14 -9.76 1.87 39.56
N ILE B 15 -8.86 2.80 39.90
CA ILE B 15 -9.22 4.21 40.08
C ILE B 15 -8.27 5.07 39.26
N ASP B 16 -8.82 5.91 38.38
CA ASP B 16 -8.01 6.79 37.52
C ASP B 16 -6.92 5.99 36.81
N GLY B 17 -7.27 4.81 36.32
CA GLY B 17 -6.33 3.96 35.62
C GLY B 17 -5.23 3.34 36.47
N LYS B 18 -5.32 3.42 37.79
CA LYS B 18 -4.32 2.80 38.66
C LYS B 18 -5.01 1.77 39.55
N LEU B 19 -4.26 0.74 39.93
CA LEU B 19 -4.80 -0.25 40.87
C LEU B 19 -4.59 0.27 42.30
N ARG B 20 -5.67 0.50 43.02
CA ARG B 20 -5.58 0.96 44.41
C ARG B 20 -5.86 -0.24 45.32
N PHE B 21 -4.81 -0.79 45.92
CA PHE B 21 -4.93 -2.00 46.73
C PHE B 21 -5.39 -1.67 48.14
N ASP B 22 -6.07 -2.62 48.77
CA ASP B 22 -6.56 -2.40 50.13
C ASP B 22 -5.46 -2.54 51.20
N SER B 23 -4.24 -2.90 50.82
CA SER B 23 -3.09 -2.81 51.70
C SER B 23 -1.92 -2.27 50.90
N SER B 24 -0.98 -1.61 51.57
CA SER B 24 0.10 -0.99 50.82
C SER B 24 1.01 -2.03 50.16
N ASP B 25 1.04 -3.28 50.66
CA ASP B 25 1.85 -4.33 50.06
C ASP B 25 1.09 -5.11 48.99
N GLY B 26 -0.07 -4.61 48.55
CA GLY B 26 -0.96 -5.42 47.74
C GLY B 26 -0.39 -5.75 46.37
N PHE B 27 0.21 -4.77 45.71
CA PHE B 27 0.76 -5.04 44.39
C PHE B 27 1.90 -6.04 44.46
N ALA B 28 2.78 -5.90 45.46
CA ALA B 28 3.88 -6.85 45.61
C ALA B 28 3.35 -8.26 45.85
N ARG B 29 2.30 -8.38 46.67
CA ARG B 29 1.74 -9.71 46.89
C ARG B 29 1.08 -10.24 45.62
N ALA B 30 0.40 -9.37 44.88
CA ALA B 30 -0.32 -9.83 43.71
C ALA B 30 0.63 -10.42 42.66
N ILE B 31 1.78 -9.80 42.43
CA ILE B 31 2.68 -10.35 41.42
C ILE B 31 3.49 -11.53 41.95
N ALA B 32 3.62 -11.66 43.27
CA ALA B 32 4.20 -12.88 43.83
C ALA B 32 3.19 -14.01 43.92
N ASP B 33 1.96 -13.72 44.33
CA ASP B 33 0.93 -14.76 44.37
C ASP B 33 0.45 -15.14 42.99
N GLY B 34 0.63 -14.26 41.99
CA GLY B 34 0.13 -14.51 40.66
C GLY B 34 -1.37 -14.38 40.52
N PHE B 35 -2.07 -14.08 41.61
CA PHE B 35 -3.52 -13.99 41.67
C PHE B 35 -3.87 -12.82 42.59
N PHE B 36 -4.98 -12.12 42.28
CA PHE B 36 -5.47 -11.04 43.12
C PHE B 36 -6.88 -10.67 42.66
N PHE B 37 -7.58 -9.93 43.50
CA PHE B 37 -8.95 -9.52 43.24
C PHE B 37 -8.98 -8.10 42.70
N VAL B 38 -9.96 -7.82 41.83
CA VAL B 38 -10.21 -6.46 41.35
C VAL B 38 -11.71 -6.22 41.38
N LYS B 39 -12.12 -5.16 42.05
CA LYS B 39 -13.53 -4.80 42.13
C LYS B 39 -14.09 -4.57 40.74
N SER B 40 -15.28 -5.10 40.51
CA SER B 40 -15.94 -4.87 39.23
C SER B 40 -16.45 -3.44 39.20
N PRO B 41 -16.16 -2.68 38.13
CA PRO B 41 -16.62 -1.27 38.03
C PRO B 41 -18.06 -1.16 37.55
N SER B 42 -18.99 -1.71 38.34
CA SER B 42 -20.42 -1.63 38.03
C SER B 42 -20.73 -2.24 36.66
N LEU B 43 -19.97 -3.27 36.28
CA LEU B 43 -20.22 -3.97 35.03
C LEU B 43 -21.51 -4.77 35.10
N ASP B 44 -22.31 -4.70 34.03
CA ASP B 44 -23.49 -5.54 33.88
C ASP B 44 -23.03 -6.95 33.48
N LEU B 45 -23.29 -7.93 34.36
CA LEU B 45 -22.86 -9.30 34.11
C LEU B 45 -24.01 -10.24 33.77
N ALA B 46 -25.22 -9.72 33.52
CA ALA B 46 -26.40 -10.57 33.37
C ALA B 46 -26.34 -11.43 32.11
N ALA B 47 -25.90 -10.86 30.98
CA ALA B 47 -25.83 -11.65 29.75
C ALA B 47 -24.89 -12.85 29.92
N GLY B 48 -23.73 -12.62 30.54
CA GLY B 48 -22.79 -13.70 30.73
C GLY B 48 -23.28 -14.74 31.72
N ASP B 49 -23.86 -14.28 32.84
CA ASP B 49 -24.41 -15.23 33.80
C ASP B 49 -25.51 -16.07 33.16
N THR B 50 -26.33 -15.45 32.31
CA THR B 50 -27.39 -16.19 31.63
C THR B 50 -26.82 -17.22 30.67
N PHE B 51 -25.87 -16.80 29.82
CA PHE B 51 -25.23 -17.73 28.89
C PHE B 51 -24.54 -18.85 29.64
N ALA B 52 -23.92 -18.54 30.78
CA ALA B 52 -23.20 -19.58 31.53
C ALA B 52 -24.12 -20.68 32.03
N ARG B 53 -25.41 -20.37 32.23
CA ARG B 53 -26.37 -21.35 32.73
C ARG B 53 -27.27 -21.92 31.62
N ASN B 54 -27.08 -21.50 30.37
CA ASN B 54 -28.01 -21.83 29.30
C ASN B 54 -27.37 -22.37 28.03
N PHE B 55 -26.10 -22.06 27.74
CA PHE B 55 -25.56 -22.34 26.40
C PHE B 55 -25.64 -23.83 26.05
N TYR B 56 -25.56 -24.70 27.04
CA TYR B 56 -25.56 -26.14 26.83
C TYR B 56 -26.96 -26.75 26.85
N LEU B 57 -28.00 -25.93 27.11
CA LEU B 57 -29.38 -26.43 27.10
C LEU B 57 -29.93 -26.43 25.68
N PRO B 58 -30.95 -27.23 25.42
CA PRO B 58 -31.61 -27.14 24.11
C PRO B 58 -32.39 -25.84 24.00
N ARG B 59 -32.45 -25.32 22.77
CA ARG B 59 -33.15 -24.07 22.52
C ARG B 59 -34.66 -24.26 22.67
N GLN B 60 -35.28 -23.47 23.53
CA GLN B 60 -36.72 -23.50 23.72
C GLN B 60 -37.24 -22.07 23.72
N GLU B 61 -38.29 -21.85 22.94
CA GLU B 61 -38.62 -20.52 22.43
C GLU B 61 -38.90 -19.52 23.54
N GLY B 62 -38.71 -18.24 23.23
CA GLY B 62 -38.90 -17.18 24.19
C GLY B 62 -37.62 -16.47 24.59
N LEU B 63 -37.50 -16.18 25.89
CA LEU B 63 -36.47 -15.26 26.37
C LEU B 63 -35.12 -15.93 26.56
N GLY B 64 -35.11 -17.20 26.96
CA GLY B 64 -33.84 -17.89 27.09
C GLY B 64 -33.24 -18.30 25.76
N ALA B 65 -34.08 -18.34 24.72
CA ALA B 65 -33.70 -18.88 23.41
C ALA B 65 -32.39 -18.31 22.87
N PRO B 66 -32.14 -17.00 22.83
CA PRO B 66 -30.87 -16.51 22.27
C PRO B 66 -29.65 -17.06 22.96
N TYR B 67 -29.79 -17.57 24.19
CA TYR B 67 -28.68 -18.00 25.03
C TYR B 67 -28.52 -19.51 25.08
N GLN B 68 -29.34 -20.25 24.32
CA GLN B 68 -29.37 -21.71 24.36
C GLN B 68 -29.02 -22.27 22.98
N GLY B 69 -28.74 -23.57 22.98
CA GLY B 69 -28.52 -24.28 21.74
C GLY B 69 -27.15 -24.11 21.14
N PHE B 70 -26.17 -23.72 21.95
CA PHE B 70 -24.84 -23.43 21.43
C PHE B 70 -24.01 -24.69 21.17
N SER B 71 -24.63 -25.86 21.36
CA SER B 71 -24.06 -27.08 20.82
C SER B 71 -23.89 -27.01 19.31
N GLN B 72 -24.65 -26.15 18.62
CA GLN B 72 -24.49 -26.03 17.17
C GLN B 72 -23.17 -25.37 16.77
N TRP B 73 -22.49 -24.70 17.69
CA TRP B 73 -21.25 -23.98 17.39
C TRP B 73 -20.06 -24.87 17.72
N THR B 74 -19.67 -25.71 16.77
CA THR B 74 -18.52 -26.59 16.90
C THR B 74 -17.35 -26.06 16.09
N GLU B 75 -16.21 -26.74 16.25
CA GLU B 75 -14.96 -26.26 15.65
C GLU B 75 -15.09 -26.02 14.16
N ASP B 76 -15.80 -26.91 13.45
CA ASP B 76 -15.87 -26.82 11.99
C ASP B 76 -16.59 -25.56 11.51
N ARG B 77 -17.38 -24.91 12.37
CA ARG B 77 -18.00 -23.65 12.00
C ARG B 77 -17.19 -22.44 12.47
N LEU B 78 -16.09 -22.67 13.18
CA LEU B 78 -15.33 -21.59 13.79
C LEU B 78 -13.86 -21.77 13.47
N ALA B 79 -13.12 -22.37 14.40
CA ALA B 79 -11.77 -22.84 14.14
C ALA B 79 -11.48 -23.90 15.18
N ARG B 80 -10.35 -24.57 15.04
CA ARG B 80 -10.00 -25.64 15.97
C ARG B 80 -9.88 -25.10 17.39
N ARG B 81 -10.46 -25.85 18.33
CA ARG B 81 -10.49 -25.56 19.77
C ARG B 81 -11.38 -24.39 20.13
N GLU B 82 -12.21 -23.91 19.20
CA GLU B 82 -13.22 -22.90 19.48
C GLU B 82 -14.60 -23.55 19.55
N GLY B 83 -15.48 -22.94 20.33
CA GLY B 83 -16.86 -23.35 20.42
C GLY B 83 -17.20 -24.29 21.56
N TYR B 84 -18.15 -25.18 21.30
CA TYR B 84 -18.73 -26.05 22.32
C TYR B 84 -17.91 -27.32 22.52
N PHE B 85 -17.65 -27.65 23.79
CA PHE B 85 -16.96 -28.90 24.13
C PHE B 85 -17.62 -29.55 25.33
N SER B 86 -17.96 -30.84 25.20
CA SER B 86 -18.41 -31.64 26.34
C SER B 86 -17.32 -32.65 26.68
N ARG B 87 -16.24 -32.16 27.28
CA ARG B 87 -15.18 -33.06 27.72
C ARG B 87 -15.64 -33.85 28.94
N ASP B 88 -14.96 -34.98 29.17
CA ASP B 88 -15.40 -35.90 30.21
C ASP B 88 -14.33 -36.27 31.24
N VAL B 89 -13.04 -36.11 30.92
CA VAL B 89 -12.01 -36.43 31.90
C VAL B 89 -12.16 -35.54 33.13
N ASP B 90 -12.77 -34.38 32.97
CA ASP B 90 -13.25 -33.56 34.06
C ASP B 90 -14.71 -33.22 33.79
N GLN B 91 -15.40 -32.75 34.81
CA GLN B 91 -16.83 -32.51 34.68
C GLN B 91 -17.14 -31.22 33.94
N VAL B 92 -16.16 -30.57 33.35
CA VAL B 92 -16.42 -29.25 32.77
C VAL B 92 -16.93 -29.41 31.34
N GLU B 93 -18.07 -28.80 31.08
CA GLU B 93 -18.62 -28.59 29.75
C GLU B 93 -18.35 -27.13 29.40
N GLN B 94 -17.80 -26.89 28.22
CA GLN B 94 -17.18 -25.58 27.98
C GLN B 94 -17.67 -24.94 26.68
N PHE B 95 -17.52 -23.61 26.61
CA PHE B 95 -17.69 -22.87 25.37
C PHE B 95 -16.56 -21.85 25.28
N PHE B 96 -15.66 -22.04 24.32
CA PHE B 96 -14.54 -21.15 24.06
C PHE B 96 -14.88 -20.24 22.89
N LEU B 97 -14.59 -18.94 23.00
CA LEU B 97 -14.81 -18.13 21.81
C LEU B 97 -13.87 -16.94 21.76
N GLU B 98 -13.01 -16.91 20.73
CA GLU B 98 -12.15 -15.77 20.48
C GLU B 98 -12.95 -14.63 19.87
N SER B 99 -12.47 -13.39 20.11
CA SER B 99 -13.18 -12.17 19.76
C SER B 99 -13.61 -12.10 18.31
N ARG B 100 -12.81 -12.63 17.39
CA ARG B 100 -13.19 -12.52 15.98
C ARG B 100 -14.48 -13.29 15.66
N PHE B 101 -14.99 -14.08 16.58
CA PHE B 101 -16.27 -14.76 16.39
C PHE B 101 -17.42 -14.17 17.20
N TRP B 102 -17.16 -13.18 18.06
CA TRP B 102 -18.18 -12.75 19.01
C TRP B 102 -19.42 -12.19 18.33
N GLN B 103 -19.24 -11.35 17.30
CA GLN B 103 -20.40 -10.69 16.70
C GLN B 103 -21.31 -11.68 15.98
N THR B 104 -20.73 -12.71 15.37
CA THR B 104 -21.50 -13.74 14.67
C THR B 104 -22.23 -14.67 15.63
N VAL B 105 -21.58 -15.05 16.73
CA VAL B 105 -22.06 -16.13 17.61
C VAL B 105 -22.90 -15.59 18.76
N PHE B 106 -22.43 -14.52 19.43
CA PHE B 106 -23.06 -14.11 20.68
C PHE B 106 -24.27 -13.22 20.43
N PRO B 107 -25.35 -13.39 21.19
CA PRO B 107 -26.42 -12.40 21.18
C PRO B 107 -25.90 -11.04 21.62
N GLY B 108 -26.58 -9.99 21.15
CA GLY B 108 -26.18 -8.62 21.38
C GLY B 108 -25.72 -8.28 22.79
N PRO B 109 -26.56 -8.53 23.80
CA PRO B 109 -26.14 -8.21 25.18
C PRO B 109 -24.88 -8.92 25.60
N LEU B 110 -24.65 -10.14 25.13
CA LEU B 110 -23.43 -10.84 25.52
C LEU B 110 -22.23 -10.30 24.76
N LEU B 111 -22.43 -9.95 23.48
CA LEU B 111 -21.38 -9.29 22.72
C LEU B 111 -20.91 -8.04 23.44
N ARG B 112 -21.85 -7.22 23.90
CA ARG B 112 -21.47 -5.98 24.56
C ARG B 112 -20.77 -6.25 25.88
N GLN B 113 -21.23 -7.26 26.62
CA GLN B 113 -20.57 -7.60 27.88
C GLN B 113 -19.15 -8.10 27.63
N ALA B 114 -18.96 -8.93 26.60
CA ALA B 114 -17.63 -9.42 26.27
C ALA B 114 -16.71 -8.28 25.87
N GLU B 115 -17.20 -7.33 25.07
CA GLU B 115 -16.41 -6.16 24.72
C GLU B 115 -16.05 -5.36 25.97
N ARG B 116 -17.00 -5.18 26.87
CA ARG B 116 -16.70 -4.43 28.10
C ARG B 116 -15.73 -5.20 28.99
N MET B 117 -15.85 -6.53 29.04
CA MET B 117 -14.88 -7.31 29.80
C MET B 117 -13.49 -7.26 29.17
N ARG B 118 -13.42 -7.24 27.83
CA ARG B 118 -12.13 -7.09 27.17
C ARG B 118 -11.51 -5.74 27.52
N SER B 119 -12.28 -4.66 27.44
N SER B 119 -12.28 -4.66 27.42
CA SER B 119 -11.74 -3.35 27.74
CA SER B 119 -11.74 -3.35 27.74
C SER B 119 -11.29 -3.25 29.20
C SER B 119 -11.29 -3.27 29.20
N PHE B 120 -12.06 -3.86 30.11
CA PHE B 120 -11.68 -3.86 31.51
C PHE B 120 -10.40 -4.66 31.73
N SER B 121 -10.27 -5.81 31.06
N SER B 121 -10.28 -5.82 31.07
CA SER B 121 -9.06 -6.62 31.20
CA SER B 121 -9.05 -6.61 31.20
C SER B 121 -7.83 -5.85 30.73
C SER B 121 -7.84 -5.82 30.75
N LEU B 122 -7.98 -5.07 29.66
CA LEU B 122 -6.85 -4.30 29.15
C LEU B 122 -6.53 -3.13 30.07
N GLU B 123 -7.55 -2.56 30.72
CA GLU B 123 -7.30 -1.52 31.73
C GLU B 123 -6.51 -2.08 32.91
N VAL B 124 -6.92 -3.26 33.38
CA VAL B 124 -6.15 -3.91 34.44
C VAL B 124 -4.72 -4.13 33.99
N LEU B 125 -4.54 -4.62 32.76
CA LEU B 125 -3.20 -4.87 32.25
C LEU B 125 -2.36 -3.61 32.26
N ARG B 126 -2.91 -2.51 31.72
CA ARG B 126 -2.15 -1.25 31.71
C ARG B 126 -1.78 -0.83 33.13
N ALA B 127 -2.71 -0.98 34.06
CA ALA B 127 -2.47 -0.55 35.43
C ALA B 127 -1.37 -1.40 36.07
N VAL B 128 -1.32 -2.68 35.75
CA VAL B 128 -0.20 -3.49 36.20
C VAL B 128 1.11 -3.00 35.59
N LEU B 129 1.11 -2.76 34.27
CA LEU B 129 2.35 -2.34 33.62
C LEU B 129 2.87 -1.04 34.21
N ALA B 130 1.97 -0.14 34.59
CA ALA B 130 2.38 1.13 35.19
C ALA B 130 3.23 0.92 36.45
N GLU B 131 3.06 -0.20 37.15
CA GLU B 131 3.84 -0.47 38.36
C GLU B 131 5.09 -1.29 38.12
N LEU B 132 5.36 -1.74 36.90
CA LEU B 132 6.46 -2.66 36.65
C LEU B 132 7.72 -1.92 36.20
N ASP B 133 8.83 -2.65 36.26
CA ASP B 133 10.11 -2.21 35.68
C ASP B 133 10.04 -2.42 34.17
N LEU B 134 9.35 -1.49 33.50
CA LEU B 134 9.08 -1.62 32.06
C LEU B 134 8.75 -0.25 31.46
N PRO B 135 9.64 0.29 30.62
CA PRO B 135 9.40 1.62 30.05
C PRO B 135 8.10 1.71 29.25
N VAL B 136 7.39 2.82 29.44
CA VAL B 136 6.04 2.94 28.91
C VAL B 136 6.04 2.88 27.39
N GLU B 137 7.10 3.37 26.74
CA GLU B 137 7.15 3.31 25.28
C GLU B 137 7.24 1.89 24.75
N LEU B 138 7.54 0.90 25.61
CA LEU B 138 7.65 -0.48 25.18
C LEU B 138 6.38 -1.31 25.40
N TRP B 139 5.36 -0.77 26.10
CA TRP B 139 4.26 -1.61 26.57
C TRP B 139 3.55 -2.34 25.43
N ASP B 140 3.19 -1.62 24.37
CA ASP B 140 2.36 -2.24 23.35
C ASP B 140 3.10 -3.37 22.64
N GLU B 141 4.37 -3.15 22.31
CA GLU B 141 5.18 -4.20 21.68
C GLU B 141 5.50 -5.31 22.69
N ALA B 142 5.81 -4.94 23.93
CA ALA B 142 6.20 -5.95 24.92
C ALA B 142 5.10 -6.98 25.13
N THR B 143 3.83 -6.56 25.06
CA THR B 143 2.73 -7.44 25.42
C THR B 143 1.95 -7.90 24.20
N GLY B 144 2.63 -7.99 23.06
CA GLY B 144 2.13 -8.69 21.89
C GLY B 144 1.02 -7.99 21.16
N ARG B 145 0.97 -6.65 21.24
CA ARG B 145 -0.03 -5.80 20.60
C ARG B 145 -1.47 -6.09 21.06
N CYS B 146 -1.65 -6.70 22.24
CA CYS B 146 -3.00 -6.85 22.77
C CYS B 146 -3.56 -5.52 23.23
N LEU B 147 -2.69 -4.58 23.66
CA LEU B 147 -3.19 -3.29 24.15
C LEU B 147 -3.76 -2.44 23.03
N SER B 148 -3.28 -2.61 21.80
CA SER B 148 -3.80 -1.89 20.64
C SER B 148 -4.84 -2.71 19.87
N MET B 149 -5.53 -3.63 20.56
CA MET B 149 -6.65 -4.41 20.01
C MET B 149 -6.24 -5.31 18.86
N GLN B 150 -4.97 -5.71 18.78
CA GLN B 150 -4.56 -6.65 17.76
C GLN B 150 -4.27 -8.04 18.32
N GLY B 151 -4.55 -8.26 19.60
CA GLY B 151 -4.21 -9.50 20.25
C GLY B 151 -5.27 -10.55 20.08
N THR B 152 -5.26 -11.52 20.98
CA THR B 152 -6.13 -12.67 20.91
C THR B 152 -6.89 -12.73 22.24
N TYR B 153 -8.22 -12.71 22.18
CA TYR B 153 -9.04 -12.51 23.37
C TYR B 153 -10.14 -13.57 23.38
N HIS B 154 -10.08 -14.47 24.37
CA HIS B 154 -11.08 -15.52 24.50
C HIS B 154 -12.01 -15.23 25.67
N LEU B 155 -13.32 -15.36 25.43
CA LEU B 155 -14.30 -15.45 26.51
C LEU B 155 -14.71 -16.90 26.58
N THR B 156 -14.48 -17.52 27.73
CA THR B 156 -14.65 -18.95 27.84
C THR B 156 -15.55 -19.24 29.01
N PHE B 157 -16.52 -20.12 28.81
CA PHE B 157 -17.52 -20.40 29.81
C PHE B 157 -17.33 -21.83 30.31
N ASN B 158 -17.43 -22.02 31.63
CA ASN B 158 -17.25 -23.33 32.26
C ASN B 158 -18.53 -23.73 32.97
N HIS B 159 -19.03 -24.92 32.65
CA HIS B 159 -20.17 -25.51 33.34
C HIS B 159 -19.72 -26.80 34.00
N PHE B 160 -19.70 -26.83 35.32
CA PHE B 160 -19.24 -27.99 36.07
C PHE B 160 -20.43 -28.87 36.40
N ARG B 161 -20.40 -30.12 35.96
CA ARG B 161 -21.49 -31.05 36.21
C ARG B 161 -21.27 -31.74 37.54
N SER B 162 -22.24 -31.62 38.45
CA SER B 162 -22.15 -32.37 39.69
C SER B 162 -22.26 -33.87 39.45
N HIS B 163 -22.90 -34.29 38.36
CA HIS B 163 -23.19 -35.71 38.14
C HIS B 163 -22.00 -36.47 37.55
N VAL B 164 -21.08 -35.78 36.88
CA VAL B 164 -19.90 -36.44 36.32
C VAL B 164 -18.83 -36.54 37.41
N ARG B 165 -18.29 -37.74 37.60
CA ARG B 165 -17.38 -38.02 38.71
C ARG B 165 -15.93 -37.82 38.27
N ALA B 166 -15.48 -36.57 38.33
CA ALA B 166 -14.08 -36.24 38.12
C ALA B 166 -13.82 -34.95 38.86
N ARG B 167 -12.54 -34.60 38.96
CA ARG B 167 -12.19 -33.47 39.82
C ARG B 167 -12.90 -32.23 39.27
N GLY B 168 -12.28 -31.49 38.35
CA GLY B 168 -13.09 -30.40 37.79
C GLY B 168 -12.41 -29.50 36.77
N LEU B 169 -11.14 -29.19 37.00
CA LEU B 169 -10.29 -28.59 35.98
C LEU B 169 -8.90 -28.93 36.45
N ASN B 170 -8.25 -29.83 35.72
CA ASN B 170 -6.90 -30.27 36.05
C ASN B 170 -5.97 -29.07 36.18
N VAL B 171 -4.81 -29.34 36.76
CA VAL B 171 -3.85 -28.27 36.99
C VAL B 171 -3.40 -27.67 35.67
N HIS B 172 -3.30 -26.34 35.63
CA HIS B 172 -2.80 -25.69 34.44
C HIS B 172 -2.36 -24.28 34.79
N LYS B 173 -1.59 -23.71 33.88
CA LYS B 173 -1.11 -22.34 33.92
C LYS B 173 -1.60 -21.66 32.65
N ASP B 174 -1.96 -20.39 32.75
CA ASP B 174 -2.48 -19.69 31.57
C ASP B 174 -1.34 -19.27 30.65
N SER B 175 -1.66 -19.14 29.36
CA SER B 175 -0.62 -18.85 28.38
C SER B 175 -0.23 -17.38 28.33
N GLY B 176 -1.18 -16.47 28.55
CA GLY B 176 -1.02 -15.11 28.10
C GLY B 176 -0.65 -14.05 29.13
N TRP B 177 -1.40 -12.95 29.12
CA TRP B 177 -1.01 -11.76 29.87
C TRP B 177 -1.77 -11.67 31.17
N VAL B 178 -3.07 -11.38 31.10
CA VAL B 178 -3.93 -11.45 32.27
C VAL B 178 -5.14 -12.26 31.88
N THR B 179 -5.78 -12.83 32.90
CA THR B 179 -7.06 -13.50 32.79
C THR B 179 -7.96 -12.89 33.85
N ILE B 180 -9.19 -12.54 33.47
CA ILE B 180 -10.17 -11.95 34.38
C ILE B 180 -11.28 -12.97 34.56
N LEU B 181 -11.49 -13.42 35.80
CA LEU B 181 -12.39 -14.54 36.07
C LEU B 181 -13.64 -14.08 36.83
N ARG B 182 -14.81 -14.46 36.30
CA ARG B 182 -16.10 -14.22 36.94
C ARG B 182 -16.59 -15.55 37.53
N SER B 183 -16.57 -15.65 38.85
CA SER B 183 -17.09 -16.82 39.53
C SER B 183 -17.83 -16.40 40.79
N LEU B 184 -18.71 -17.27 41.27
CA LEU B 184 -19.49 -16.99 42.46
C LEU B 184 -19.21 -17.95 43.61
N GLU B 185 -18.68 -19.14 43.35
CA GLU B 185 -18.64 -20.19 44.35
C GLU B 185 -17.23 -20.73 44.52
N PRO B 186 -16.94 -21.37 45.65
CA PRO B 186 -15.62 -21.98 45.83
C PRO B 186 -15.35 -23.06 44.79
N GLY B 187 -14.08 -23.48 44.76
CA GLY B 187 -13.59 -24.45 43.80
C GLY B 187 -12.16 -24.16 43.39
N LEU B 188 -11.88 -22.90 43.07
CA LEU B 188 -10.54 -22.51 42.63
C LEU B 188 -9.49 -22.77 43.70
N GLU B 189 -8.39 -23.37 43.29
CA GLU B 189 -7.22 -23.49 44.14
C GLU B 189 -5.99 -23.09 43.36
N VAL B 190 -5.13 -22.30 43.99
CA VAL B 190 -3.91 -21.83 43.35
C VAL B 190 -2.73 -22.35 44.12
N LEU B 191 -1.63 -22.59 43.41
CA LEU B 191 -0.40 -23.09 44.02
C LEU B 191 0.37 -21.92 44.64
N ARG B 192 0.62 -21.99 45.95
CA ARG B 192 1.34 -20.94 46.67
C ARG B 192 2.22 -21.59 47.72
N GLU B 193 3.54 -21.42 47.59
CA GLU B 193 4.53 -21.97 48.52
C GLU B 193 4.36 -23.49 48.68
N GLY B 194 4.26 -24.17 47.52
CA GLY B 194 4.23 -25.62 47.50
C GLY B 194 2.90 -26.26 47.80
N ASP B 195 1.96 -25.55 48.40
CA ASP B 195 0.67 -26.13 48.75
C ASP B 195 -0.44 -25.46 47.98
N TRP B 196 -1.58 -26.14 47.91
CA TRP B 196 -2.75 -25.63 47.23
C TRP B 196 -3.55 -24.74 48.17
N LEU B 197 -3.87 -23.53 47.69
CA LEU B 197 -4.59 -22.54 48.46
C LEU B 197 -5.99 -22.37 47.89
N PRO B 198 -7.04 -22.68 48.64
CA PRO B 198 -8.40 -22.43 48.15
C PRO B 198 -8.71 -20.95 48.14
N VAL B 199 -9.38 -20.51 47.07
CA VAL B 199 -9.72 -19.09 46.89
C VAL B 199 -11.23 -19.00 46.75
N SER B 200 -11.86 -18.29 47.65
CA SER B 200 -13.30 -18.12 47.55
C SER B 200 -13.62 -16.80 46.86
N PRO B 201 -14.53 -16.80 45.90
CA PRO B 201 -14.86 -15.55 45.19
C PRO B 201 -15.47 -14.52 46.13
N ARG B 202 -15.34 -13.25 45.74
CA ARG B 202 -15.90 -12.15 46.51
C ARG B 202 -16.99 -11.46 45.69
N PRO B 203 -18.12 -11.11 46.29
CA PRO B 203 -19.21 -10.50 45.52
C PRO B 203 -18.77 -9.17 44.92
N GLY B 204 -19.06 -9.00 43.63
CA GLY B 204 -18.76 -7.76 42.95
C GLY B 204 -17.30 -7.60 42.57
N GLU B 205 -16.52 -8.66 42.62
CA GLU B 205 -15.10 -8.60 42.28
C GLU B 205 -14.80 -9.71 41.29
N PHE B 206 -13.72 -9.51 40.53
CA PHE B 206 -13.16 -10.53 39.66
C PHE B 206 -11.86 -11.04 40.26
N ILE B 207 -11.49 -12.25 39.88
CA ILE B 207 -10.18 -12.78 40.20
C ILE B 207 -9.30 -12.61 38.97
N VAL B 208 -8.13 -11.99 39.13
CA VAL B 208 -7.19 -11.79 38.03
C VAL B 208 -5.96 -12.64 38.27
N ASN B 209 -5.44 -13.25 37.20
CA ASN B 209 -4.16 -13.95 37.29
C ASN B 209 -3.35 -13.64 36.04
N PHE B 210 -2.07 -14.01 36.09
CA PHE B 210 -1.12 -13.76 35.02
C PHE B 210 -0.82 -15.06 34.30
N GLY B 211 -0.32 -14.94 33.06
CA GLY B 211 0.01 -16.08 32.25
C GLY B 211 1.51 -16.17 31.99
N CYS B 212 1.88 -17.24 31.30
CA CYS B 212 3.30 -17.52 31.08
C CYS B 212 4.01 -16.39 30.33
N ALA B 213 3.31 -15.73 29.40
CA ALA B 213 3.93 -14.66 28.64
C ALA B 213 4.33 -13.49 29.54
N MET B 214 3.48 -13.16 30.52
CA MET B 214 3.81 -12.11 31.47
C MET B 214 5.05 -12.46 32.27
N GLU B 215 5.20 -13.73 32.67
CA GLU B 215 6.37 -14.09 33.46
C GLU B 215 7.64 -14.04 32.60
N ILE B 216 7.56 -14.57 31.37
CA ILE B 216 8.68 -14.47 30.44
C ILE B 216 9.12 -13.03 30.25
N LEU B 217 8.16 -12.10 30.13
CA LEU B 217 8.51 -10.72 29.85
C LEU B 217 9.28 -10.09 31.01
N THR B 218 8.89 -10.44 32.24
CA THR B 218 9.30 -9.68 33.42
C THR B 218 10.39 -10.35 34.24
N ARG B 219 10.68 -11.63 34.02
CA ARG B 219 11.48 -12.38 34.99
C ARG B 219 12.94 -11.98 35.02
N HIS B 220 13.42 -11.15 34.10
CA HIS B 220 14.78 -10.63 34.15
C HIS B 220 14.79 -9.14 34.43
N SER B 221 13.70 -8.61 34.97
CA SER B 221 13.59 -7.22 35.35
C SER B 221 13.57 -7.11 36.88
N ALA B 222 13.52 -5.87 37.36
CA ALA B 222 13.50 -5.65 38.80
C ALA B 222 12.19 -6.10 39.43
N THR B 223 11.17 -6.44 38.63
CA THR B 223 9.85 -6.80 39.16
C THR B 223 9.30 -8.00 38.40
N PRO B 224 9.86 -9.19 38.62
CA PRO B 224 9.27 -10.39 38.02
C PRO B 224 7.84 -10.63 38.48
N VAL B 225 7.00 -11.04 37.54
CA VAL B 225 5.60 -11.35 37.76
C VAL B 225 5.40 -12.85 37.56
N ALA B 226 4.70 -13.49 38.49
CA ALA B 226 4.58 -14.94 38.51
C ALA B 226 3.36 -15.42 37.75
N ALA B 227 3.54 -16.41 36.86
CA ALA B 227 2.43 -17.18 36.33
C ALA B 227 2.27 -18.43 37.20
N VAL B 228 1.08 -18.61 37.76
CA VAL B 228 0.86 -19.57 38.83
C VAL B 228 -0.15 -20.63 38.41
N ALA B 229 0.18 -21.88 38.74
CA ALA B 229 -0.70 -23.01 38.48
C ALA B 229 -1.96 -22.92 39.33
N HIS B 230 -3.06 -23.41 38.76
CA HIS B 230 -4.35 -23.38 39.43
C HIS B 230 -5.20 -24.52 38.90
N ARG B 231 -6.28 -24.82 39.64
CA ARG B 231 -7.13 -25.97 39.37
C ARG B 231 -8.47 -25.73 40.02
N VAL B 232 -9.43 -26.60 39.73
CA VAL B 232 -10.77 -26.50 40.29
C VAL B 232 -11.16 -27.83 40.91
N GLN B 233 -11.76 -27.77 42.11
CA GLN B 233 -12.02 -28.96 42.91
C GLN B 233 -13.15 -29.78 42.33
N GLU B 234 -13.30 -31.01 42.82
CA GLU B 234 -14.50 -31.75 42.46
C GLU B 234 -15.70 -31.08 43.10
N GLN B 235 -16.63 -30.63 42.26
CA GLN B 235 -17.98 -30.39 42.75
C GLN B 235 -18.58 -31.75 43.09
N LEU B 236 -18.93 -31.91 44.39
CA LEU B 236 -19.33 -33.16 45.04
C LEU B 236 -20.41 -33.88 44.25
N PRO B 237 -20.71 -35.14 44.57
CA PRO B 237 -21.82 -35.82 43.86
C PRO B 237 -23.17 -35.15 44.06
N GLY B 238 -23.50 -34.73 45.28
CA GLY B 238 -24.85 -34.28 45.57
C GLY B 238 -25.02 -32.82 45.95
N GLN B 239 -24.76 -31.92 45.00
CA GLN B 239 -25.02 -30.50 45.16
C GLN B 239 -25.20 -29.89 43.77
N ALA B 240 -25.37 -28.57 43.72
CA ALA B 240 -25.75 -27.90 42.49
C ALA B 240 -24.56 -27.72 41.54
N ASP B 241 -24.87 -27.41 40.29
CA ASP B 241 -23.83 -27.19 39.28
C ASP B 241 -23.17 -25.84 39.48
N ARG B 242 -21.86 -25.79 39.25
CA ARG B 242 -21.09 -24.57 39.35
C ARG B 242 -20.87 -23.99 37.96
N PHE B 243 -20.60 -22.69 37.91
CA PHE B 243 -20.44 -21.98 36.65
C PHE B 243 -19.36 -20.93 36.83
N SER B 244 -18.56 -20.72 35.79
CA SER B 244 -17.59 -19.64 35.80
C SER B 244 -17.32 -19.24 34.35
N TYR B 245 -16.76 -18.06 34.17
CA TYR B 245 -16.33 -17.65 32.85
C TYR B 245 -15.22 -16.62 32.98
N ALA B 246 -14.33 -16.61 32.00
CA ALA B 246 -13.14 -15.78 32.10
C ALA B 246 -12.82 -15.19 30.74
N LEU B 247 -12.29 -13.97 30.78
CA LEU B 247 -11.74 -13.28 29.61
C LEU B 247 -10.22 -13.46 29.64
N PHE B 248 -9.67 -14.16 28.65
CA PHE B 248 -8.24 -14.45 28.53
C PHE B 248 -7.61 -13.49 27.52
N VAL B 249 -6.50 -12.87 27.89
CA VAL B 249 -5.78 -11.96 27.01
C VAL B 249 -4.48 -12.61 26.60
N ASP B 250 -4.28 -12.77 25.29
CA ASP B 250 -3.06 -13.29 24.71
C ASP B 250 -2.51 -12.34 23.64
N SER B 251 -1.25 -12.55 23.29
CA SER B 251 -0.61 -11.77 22.22
C SER B 251 -1.29 -12.00 20.87
N SER B 252 -1.04 -11.09 19.93
CA SER B 252 -1.28 -11.41 18.54
C SER B 252 -0.44 -12.62 18.16
N LEU B 253 -1.02 -13.52 17.37
CA LEU B 253 -0.27 -14.67 16.88
C LEU B 253 0.19 -14.48 15.44
N ASP B 254 0.05 -13.28 14.88
CA ASP B 254 0.54 -13.01 13.53
C ASP B 254 1.94 -12.45 13.62
N PRO B 255 2.98 -13.15 13.14
CA PRO B 255 4.35 -12.62 13.23
C PRO B 255 4.53 -11.25 12.57
N ARG B 256 3.66 -10.84 11.65
CA ARG B 256 3.75 -9.50 11.09
C ARG B 256 3.41 -8.44 12.11
N THR B 257 2.57 -8.79 13.08
CA THR B 257 2.13 -7.87 14.11
C THR B 257 2.92 -8.05 15.39
N CYS B 258 3.13 -9.31 15.80
CA CYS B 258 3.88 -9.63 17.01
C CYS B 258 4.89 -10.73 16.62
N PRO B 259 6.19 -10.46 16.68
CA PRO B 259 7.16 -11.48 16.24
C PRO B 259 7.36 -12.62 17.22
N GLY B 260 6.84 -12.55 18.43
CA GLY B 260 6.96 -13.68 19.35
C GLY B 260 6.95 -13.20 20.79
N LEU B 261 7.71 -13.88 21.63
CA LEU B 261 7.70 -13.64 23.07
C LEU B 261 8.95 -12.86 23.46
N PHE B 262 8.76 -11.70 24.06
CA PHE B 262 9.85 -10.81 24.42
C PHE B 262 10.25 -10.98 25.88
N ARG B 263 11.50 -10.65 26.14
CA ARG B 263 12.01 -10.47 27.49
C ARG B 263 12.50 -9.03 27.61
N TYR B 264 12.12 -8.34 28.68
CA TYR B 264 12.63 -7.00 28.90
C TYR B 264 13.93 -7.08 29.70
N LEU B 265 14.98 -6.50 29.15
CA LEU B 265 16.28 -6.47 29.83
C LEU B 265 16.60 -5.04 30.22
N PRO B 266 16.60 -4.72 31.52
CA PRO B 266 16.94 -3.35 31.95
C PRO B 266 18.25 -2.87 31.34
N GLY B 267 18.27 -1.61 30.91
CA GLY B 267 19.41 -1.06 30.24
C GLY B 267 19.56 -1.41 28.78
N HIS B 268 18.81 -2.39 28.28
CA HIS B 268 18.96 -2.84 26.91
C HIS B 268 17.68 -2.77 26.07
N GLY B 269 16.50 -2.94 26.67
CA GLY B 269 15.26 -2.93 25.93
C GLY B 269 14.65 -4.32 25.82
N LEU B 270 13.80 -4.48 24.79
CA LEU B 270 13.17 -5.77 24.53
C LEU B 270 14.08 -6.67 23.71
N VAL B 271 14.14 -7.94 24.10
CA VAL B 271 14.88 -8.96 23.38
C VAL B 271 13.89 -10.06 23.03
N LEU B 272 13.92 -10.50 21.77
CA LEU B 272 13.01 -11.55 21.32
C LEU B 272 13.52 -12.89 21.80
N GLU B 273 12.82 -13.50 22.75
CA GLU B 273 13.21 -14.79 23.30
C GLU B 273 12.67 -15.98 22.51
N ALA B 274 11.50 -15.84 21.90
CA ALA B 274 10.96 -16.87 21.02
C ALA B 274 10.49 -16.19 19.74
N ASP B 275 11.05 -16.61 18.61
CA ASP B 275 10.80 -15.99 17.31
C ASP B 275 9.80 -16.88 16.58
N PHE B 276 8.52 -16.46 16.58
CA PHE B 276 7.45 -17.30 16.06
C PHE B 276 7.69 -17.71 14.61
N GLU B 277 8.09 -16.76 13.77
CA GLU B 277 8.24 -17.08 12.36
C GLU B 277 9.41 -18.04 12.14
N MET B 278 10.51 -17.81 12.83
CA MET B 278 11.64 -18.73 12.76
C MET B 278 11.20 -20.15 13.13
N PHE B 279 10.40 -20.28 14.19
CA PHE B 279 9.94 -21.61 14.58
C PHE B 279 8.98 -22.20 13.56
N LEU B 280 8.05 -21.40 13.04
CA LEU B 280 7.16 -21.93 12.01
C LEU B 280 7.96 -22.40 10.80
N ASN B 281 9.09 -21.77 10.52
CA ASN B 281 9.97 -22.27 9.46
C ASN B 281 10.54 -23.65 9.82
N GLU B 282 10.96 -23.83 11.08
CA GLU B 282 11.34 -25.17 11.54
C GLU B 282 10.20 -26.16 11.37
N ILE B 283 8.98 -25.78 11.76
CA ILE B 283 7.85 -26.70 11.69
C ILE B 283 7.59 -27.09 10.25
N LEU B 284 7.67 -26.13 9.34
CA LEU B 284 7.51 -26.43 7.92
C LEU B 284 8.49 -27.50 7.47
N HIS B 285 9.77 -27.34 7.81
CA HIS B 285 10.78 -28.28 7.36
C HIS B 285 10.57 -29.66 7.98
N ASN B 286 10.29 -29.72 9.28
CA ASN B 286 10.00 -31.01 9.92
C ASN B 286 8.76 -31.67 9.31
N THR B 287 7.72 -30.88 9.02
CA THR B 287 6.56 -31.43 8.33
C THR B 287 6.93 -31.94 6.95
N TYR B 288 7.83 -31.24 6.26
CA TYR B 288 8.24 -31.64 4.93
C TYR B 288 8.95 -32.99 4.95
N GLN B 289 9.82 -33.21 5.93
CA GLN B 289 10.46 -34.51 6.12
C GLN B 289 9.54 -35.54 6.79
N GLU B 290 8.25 -35.24 6.89
CA GLU B 290 7.27 -36.09 7.58
C GLU B 290 7.68 -36.36 9.03
N ALA C 5 21.30 50.65 -17.70
CA ALA C 5 21.63 50.80 -19.12
C ALA C 5 22.94 50.08 -19.44
N THR C 6 23.99 50.47 -18.73
CA THR C 6 25.23 49.70 -18.64
C THR C 6 25.31 48.97 -17.31
N TYR C 7 24.21 48.94 -16.57
CA TYR C 7 24.10 48.33 -15.26
C TYR C 7 24.61 46.90 -15.26
N ALA C 8 25.33 46.54 -14.20
CA ALA C 8 25.89 45.20 -14.03
C ALA C 8 25.05 44.41 -13.02
N LEU C 9 24.61 43.21 -13.42
CA LEU C 9 23.93 42.33 -12.49
C LEU C 9 24.85 41.91 -11.35
N ALA C 10 24.22 41.58 -10.21
CA ALA C 10 24.94 41.02 -9.08
C ALA C 10 25.53 39.66 -9.43
N SER C 11 26.60 39.30 -8.74
CA SER C 11 27.28 38.03 -8.95
C SER C 11 27.59 37.39 -7.61
N ALA C 12 27.43 36.08 -7.54
CA ALA C 12 27.64 35.37 -6.29
C ALA C 12 28.41 34.09 -6.54
N GLU C 13 28.95 33.55 -5.46
CA GLU C 13 29.58 32.25 -5.42
C GLU C 13 28.86 31.41 -4.38
N LEU C 14 28.60 30.16 -4.72
CA LEU C 14 27.91 29.23 -3.83
C LEU C 14 28.94 28.61 -2.90
N ILE C 15 28.90 28.99 -1.61
CA ILE C 15 29.88 28.53 -0.63
C ILE C 15 29.15 28.06 0.62
N ASP C 16 29.43 26.83 1.05
CA ASP C 16 28.79 26.23 2.21
C ASP C 16 27.26 26.37 2.14
N GLY C 17 26.71 26.12 0.96
CA GLY C 17 25.27 26.18 0.76
C GLY C 17 24.67 27.57 0.75
N LYS C 18 25.48 28.63 0.85
CA LYS C 18 25.03 30.00 0.87
C LYS C 18 25.56 30.75 -0.35
N LEU C 19 24.75 31.67 -0.86
CA LEU C 19 25.21 32.54 -1.95
C LEU C 19 26.00 33.70 -1.35
N ARG C 20 27.26 33.82 -1.73
CA ARG C 20 28.12 34.90 -1.27
C ARG C 20 28.27 35.89 -2.43
N PHE C 21 27.63 37.04 -2.32
CA PHE C 21 27.63 37.99 -3.42
C PHE C 21 28.86 38.88 -3.34
N ASP C 22 29.25 39.41 -4.49
CA ASP C 22 30.43 40.27 -4.53
C ASP C 22 30.15 41.68 -4.04
N SER C 23 28.92 42.02 -3.69
CA SER C 23 28.59 43.24 -2.97
C SER C 23 27.58 42.90 -1.89
N SER C 24 27.56 43.69 -0.81
CA SER C 24 26.63 43.38 0.27
C SER C 24 25.17 43.54 -0.16
N ASP C 25 24.88 44.35 -1.19
CA ASP C 25 23.52 44.51 -1.66
C ASP C 25 23.14 43.51 -2.76
N GLY C 26 23.94 42.46 -2.95
CA GLY C 26 23.79 41.65 -4.14
C GLY C 26 22.53 40.81 -4.16
N PHE C 27 22.15 40.23 -3.02
CA PHE C 27 20.92 39.44 -2.98
C PHE C 27 19.72 40.32 -3.23
N ALA C 28 19.68 41.51 -2.64
CA ALA C 28 18.55 42.41 -2.84
C ALA C 28 18.42 42.79 -4.31
N ARG C 29 19.55 43.07 -4.98
CA ARG C 29 19.48 43.42 -6.40
C ARG C 29 19.04 42.21 -7.20
N ALA C 30 19.52 41.02 -6.84
CA ALA C 30 19.22 39.83 -7.61
C ALA C 30 17.72 39.52 -7.62
N ILE C 31 17.05 39.64 -6.47
CA ILE C 31 15.62 39.33 -6.46
C ILE C 31 14.80 40.49 -7.03
N ALA C 32 15.36 41.69 -7.12
CA ALA C 32 14.70 42.80 -7.80
C ALA C 32 14.94 42.79 -9.30
N ASP C 33 16.20 42.53 -9.72
CA ASP C 33 16.51 42.40 -11.14
C ASP C 33 15.95 41.12 -11.73
N GLY C 34 15.69 40.11 -10.90
CA GLY C 34 15.24 38.82 -11.38
C GLY C 34 16.31 38.02 -12.10
N PHE C 35 17.52 38.53 -12.20
CA PHE C 35 18.63 37.91 -12.91
C PHE C 35 19.89 38.17 -12.10
N PHE C 36 20.81 37.21 -12.08
CA PHE C 36 22.10 37.40 -11.41
C PHE C 36 23.02 36.28 -11.85
N PHE C 37 24.32 36.47 -11.60
CA PHE C 37 25.34 35.53 -12.00
C PHE C 37 25.71 34.62 -10.83
N VAL C 38 26.06 33.36 -11.13
CA VAL C 38 26.60 32.46 -10.11
C VAL C 38 27.81 31.75 -10.70
N LYS C 39 28.94 31.84 -10.00
CA LYS C 39 30.15 31.15 -10.44
C LYS C 39 29.89 29.66 -10.56
N SER C 40 30.45 29.06 -11.61
CA SER C 40 30.34 27.62 -11.78
C SER C 40 31.32 26.92 -10.84
N PRO C 41 30.86 25.93 -10.07
CA PRO C 41 31.74 25.21 -9.13
C PRO C 41 32.60 24.15 -9.82
N SER C 42 33.45 24.60 -10.76
CA SER C 42 34.33 23.71 -11.50
C SER C 42 33.55 22.60 -12.22
N LEU C 43 32.38 22.95 -12.75
CA LEU C 43 31.57 21.97 -13.46
C LEU C 43 32.16 21.69 -14.84
N ASP C 44 32.18 20.41 -15.20
CA ASP C 44 32.60 20.03 -16.55
C ASP C 44 31.44 20.27 -17.50
N LEU C 45 31.64 21.18 -18.47
CA LEU C 45 30.59 21.58 -19.40
C LEU C 45 30.84 21.06 -20.82
N ALA C 46 31.83 20.19 -21.01
CA ALA C 46 32.22 19.79 -22.37
C ALA C 46 31.11 19.01 -23.07
N ALA C 47 30.48 18.06 -22.38
CA ALA C 47 29.43 17.27 -23.03
C ALA C 47 28.31 18.17 -23.53
N GLY C 48 27.90 19.14 -22.70
CA GLY C 48 26.83 20.06 -23.11
C GLY C 48 27.25 20.97 -24.24
N ASP C 49 28.46 21.52 -24.16
CA ASP C 49 28.94 22.38 -25.25
C ASP C 49 29.03 21.60 -26.55
N THR C 50 29.44 20.33 -26.49
CA THR C 50 29.50 19.51 -27.70
C THR C 50 28.11 19.25 -28.26
N PHE C 51 27.15 18.88 -27.40
CA PHE C 51 25.78 18.66 -27.85
C PHE C 51 25.19 19.93 -28.44
N ALA C 52 25.49 21.08 -27.84
CA ALA C 52 24.91 22.34 -28.33
C ALA C 52 25.34 22.64 -29.76
N ARG C 53 26.52 22.18 -30.17
CA ARG C 53 27.07 22.44 -31.50
C ARG C 53 26.88 21.28 -32.47
N ASN C 54 26.24 20.19 -32.03
CA ASN C 54 26.21 18.97 -32.82
C ASN C 54 24.84 18.31 -32.93
N PHE C 55 23.88 18.57 -32.03
CA PHE C 55 22.66 17.77 -32.00
C PHE C 55 21.88 17.88 -33.31
N TYR C 56 21.93 19.04 -33.96
CA TYR C 56 21.18 19.29 -35.19
C TYR C 56 21.95 18.86 -36.44
N LEU C 57 23.17 18.36 -36.29
CA LEU C 57 23.95 17.92 -37.45
C LEU C 57 23.58 16.50 -37.83
N PRO C 58 23.76 16.12 -39.09
CA PRO C 58 23.59 14.71 -39.45
C PRO C 58 24.64 13.89 -38.74
N ARG C 59 24.29 12.67 -38.40
CA ARG C 59 25.27 11.80 -37.75
C ARG C 59 26.38 11.39 -38.72
N GLN C 60 27.62 11.54 -38.26
CA GLN C 60 28.80 11.12 -39.02
C GLN C 60 29.77 10.48 -38.03
N GLU C 61 30.24 9.27 -38.36
CA GLU C 61 30.97 8.41 -37.45
C GLU C 61 32.28 9.04 -36.94
N GLY C 62 32.90 8.41 -35.96
CA GLY C 62 33.91 9.08 -35.19
C GLY C 62 33.35 9.59 -33.88
N LEU C 63 34.10 10.50 -33.25
CA LEU C 63 33.84 10.84 -31.86
C LEU C 63 32.58 11.67 -31.68
N GLY C 64 32.19 12.46 -32.69
CA GLY C 64 31.02 13.32 -32.52
C GLY C 64 29.70 12.60 -32.68
N ALA C 65 29.72 11.36 -33.17
CA ALA C 65 28.49 10.65 -33.49
C ALA C 65 27.51 10.58 -32.34
N PRO C 66 27.88 10.25 -31.10
CA PRO C 66 26.88 10.19 -30.02
C PRO C 66 26.13 11.49 -29.79
N TYR C 67 26.65 12.60 -30.27
CA TYR C 67 26.09 13.94 -30.02
C TYR C 67 25.35 14.49 -31.23
N GLN C 68 25.23 13.72 -32.30
CA GLN C 68 24.62 14.15 -33.54
C GLN C 68 23.40 13.29 -33.86
N GLY C 69 22.58 13.79 -34.78
CA GLY C 69 21.45 13.03 -35.28
C GLY C 69 20.21 13.13 -34.44
N PHE C 70 20.09 14.14 -33.60
CA PHE C 70 19.00 14.21 -32.65
C PHE C 70 17.71 14.74 -33.26
N SER C 71 17.72 15.03 -34.56
CA SER C 71 16.48 15.20 -35.30
C SER C 71 15.59 13.96 -35.23
N GLN C 72 16.14 12.79 -34.91
CA GLN C 72 15.29 11.61 -34.79
C GLN C 72 14.40 11.67 -33.54
N TRP C 73 14.73 12.50 -32.57
CA TRP C 73 14.01 12.53 -31.30
C TRP C 73 12.95 13.62 -31.35
N THR C 74 11.79 13.26 -31.89
CA THR C 74 10.66 14.15 -32.04
C THR C 74 9.60 13.84 -30.98
N GLU C 75 8.54 14.65 -30.96
CA GLU C 75 7.54 14.56 -29.89
C GLU C 75 6.92 13.17 -29.79
N ASP C 76 6.68 12.52 -30.93
CA ASP C 76 5.99 11.23 -30.91
C ASP C 76 6.80 10.13 -30.26
N ARG C 77 8.13 10.30 -30.14
CA ARG C 77 8.93 9.32 -29.40
C ARG C 77 9.12 9.73 -27.93
N LEU C 78 8.62 10.89 -27.54
CA LEU C 78 8.89 11.42 -26.20
C LEU C 78 7.58 11.84 -25.56
N ALA C 79 7.29 13.14 -25.63
CA ALA C 79 5.97 13.68 -25.31
C ALA C 79 5.84 14.98 -26.07
N ARG C 80 4.64 15.55 -26.04
CA ARG C 80 4.41 16.81 -26.74
C ARG C 80 5.32 17.91 -26.21
N ARG C 81 5.93 18.65 -27.13
CA ARG C 81 6.83 19.78 -26.88
C ARG C 81 8.19 19.35 -26.34
N GLU C 82 8.49 18.05 -26.36
CA GLU C 82 9.83 17.56 -26.07
C GLU C 82 10.57 17.22 -27.35
N GLY C 83 11.89 17.27 -27.29
CA GLY C 83 12.74 16.85 -28.37
C GLY C 83 13.18 17.93 -29.34
N TYR C 84 13.40 17.53 -30.59
CA TYR C 84 13.99 18.40 -31.59
C TYR C 84 12.94 19.34 -32.19
N PHE C 85 13.29 20.62 -32.31
CA PHE C 85 12.42 21.57 -33.01
C PHE C 85 13.27 22.47 -33.90
N SER C 86 12.90 22.53 -35.18
CA SER C 86 13.39 23.60 -36.06
C SER C 86 12.25 24.58 -36.31
N ARG C 87 11.84 25.25 -35.23
CA ARG C 87 10.75 26.22 -35.28
C ARG C 87 11.20 27.48 -35.99
N ASP C 88 10.27 28.12 -36.70
CA ASP C 88 10.56 29.27 -37.54
C ASP C 88 10.14 30.59 -36.91
N VAL C 89 9.53 30.57 -35.71
CA VAL C 89 9.10 31.80 -35.05
C VAL C 89 10.24 32.78 -34.94
N ASP C 90 11.46 32.27 -34.68
CA ASP C 90 12.65 33.10 -34.63
C ASP C 90 13.81 32.29 -35.22
N GLN C 91 15.03 32.64 -34.84
CA GLN C 91 16.20 31.94 -35.37
C GLN C 91 16.30 30.53 -34.84
N VAL C 92 15.87 30.30 -33.61
CA VAL C 92 16.47 29.25 -32.81
C VAL C 92 15.95 27.88 -33.23
N GLU C 93 16.88 26.97 -33.43
CA GLU C 93 16.66 25.54 -33.55
C GLU C 93 16.95 24.96 -32.17
N GLN C 94 16.08 24.09 -31.68
CA GLN C 94 16.09 23.77 -30.25
C GLN C 94 16.04 22.27 -30.00
N PHE C 95 16.44 21.88 -28.78
CA PHE C 95 16.21 20.53 -28.29
C PHE C 95 15.80 20.68 -26.83
N PHE C 96 14.56 20.29 -26.54
CA PHE C 96 14.01 20.30 -25.18
C PHE C 96 14.02 18.89 -24.63
N LEU C 97 14.45 18.71 -23.38
CA LEU C 97 14.31 17.36 -22.84
C LEU C 97 14.13 17.37 -21.33
N GLU C 98 12.97 16.89 -20.88
CA GLU C 98 12.72 16.73 -19.45
C GLU C 98 13.49 15.51 -18.91
N SER C 99 13.77 15.56 -17.60
CA SER C 99 14.69 14.62 -16.96
C SER C 99 14.29 13.16 -17.17
N ARG C 100 13.00 12.87 -17.21
CA ARG C 100 12.58 11.46 -17.31
C ARG C 100 12.97 10.85 -18.64
N PHE C 101 13.46 11.64 -19.59
CA PHE C 101 13.96 11.14 -20.85
C PHE C 101 15.48 11.12 -20.95
N TRP C 102 16.21 11.67 -19.97
CA TRP C 102 17.65 11.90 -20.16
C TRP C 102 18.42 10.60 -20.34
N GLN C 103 18.11 9.59 -19.53
CA GLN C 103 18.88 8.36 -19.59
C GLN C 103 18.71 7.65 -20.93
N THR C 104 17.53 7.73 -21.52
CA THR C 104 17.26 7.07 -22.80
C THR C 104 17.88 7.83 -23.97
N VAL C 105 17.88 9.16 -23.91
CA VAL C 105 18.21 10.00 -25.07
C VAL C 105 19.66 10.48 -25.06
N PHE C 106 20.16 10.91 -23.90
CA PHE C 106 21.45 11.59 -23.85
C PHE C 106 22.59 10.57 -23.75
N PRO C 107 23.70 10.79 -24.45
CA PRO C 107 24.91 9.99 -24.20
C PRO C 107 25.37 10.17 -22.76
N GLY C 108 26.04 9.13 -22.25
CA GLY C 108 26.51 9.08 -20.88
C GLY C 108 27.07 10.38 -20.31
N PRO C 109 28.09 10.96 -20.97
CA PRO C 109 28.65 12.21 -20.46
C PRO C 109 27.65 13.35 -20.37
N LEU C 110 26.69 13.43 -21.30
CA LEU C 110 25.69 14.50 -21.19
C LEU C 110 24.69 14.20 -20.10
N LEU C 111 24.31 12.92 -19.94
CA LEU C 111 23.47 12.54 -18.80
C LEU C 111 24.07 13.03 -17.50
N ARG C 112 25.36 12.75 -17.29
CA ARG C 112 26.00 13.11 -16.04
C ARG C 112 26.05 14.63 -15.86
N GLN C 113 26.36 15.36 -16.95
CA GLN C 113 26.39 16.81 -16.86
C GLN C 113 25.01 17.38 -16.55
N ALA C 114 23.98 16.80 -17.16
CA ALA C 114 22.60 17.21 -16.88
C ALA C 114 22.23 16.98 -15.42
N GLU C 115 22.59 15.82 -14.87
CA GLU C 115 22.34 15.55 -13.46
C GLU C 115 23.08 16.54 -12.57
N ARG C 116 24.31 16.88 -12.94
CA ARG C 116 25.06 17.81 -12.10
C ARG C 116 24.50 19.22 -12.22
N MET C 117 24.03 19.60 -13.41
CA MET C 117 23.38 20.90 -13.54
C MET C 117 22.09 20.96 -12.76
N ARG C 118 21.32 19.87 -12.74
CA ARG C 118 20.11 19.82 -11.93
C ARG C 118 20.46 19.97 -10.45
N SER C 119 21.47 19.25 -9.97
N SER C 119 21.45 19.23 -9.97
CA SER C 119 21.80 19.31 -8.56
CA SER C 119 21.82 19.31 -8.55
C SER C 119 22.33 20.69 -8.17
C SER C 119 22.29 20.72 -8.20
N PHE C 120 23.11 21.31 -9.06
CA PHE C 120 23.57 22.67 -8.84
C PHE C 120 22.40 23.66 -8.83
N SER C 121 21.44 23.50 -9.75
N SER C 121 21.46 23.51 -9.77
CA SER C 121 20.30 24.41 -9.81
CA SER C 121 20.30 24.43 -9.79
C SER C 121 19.48 24.33 -8.52
C SER C 121 19.53 24.35 -8.47
N LEU C 122 19.34 23.13 -7.96
CA LEU C 122 18.60 22.98 -6.72
C LEU C 122 19.39 23.54 -5.53
N GLU C 123 20.72 23.45 -5.58
CA GLU C 123 21.52 24.10 -4.53
C GLU C 123 21.36 25.61 -4.58
N VAL C 124 21.36 26.18 -5.78
CA VAL C 124 21.11 27.61 -5.92
C VAL C 124 19.74 27.95 -5.35
N LEU C 125 18.72 27.15 -5.69
CA LEU C 125 17.37 27.39 -5.20
C LEU C 125 17.32 27.40 -3.69
N ARG C 126 17.93 26.39 -3.06
CA ARG C 126 17.94 26.34 -1.59
C ARG C 126 18.61 27.56 -1.01
N ALA C 127 19.73 27.97 -1.60
CA ALA C 127 20.46 29.12 -1.10
C ALA C 127 19.64 30.40 -1.21
N VAL C 128 18.85 30.54 -2.27
CA VAL C 128 17.91 31.65 -2.35
C VAL C 128 16.85 31.55 -1.25
N LEU C 129 16.26 30.37 -1.09
CA LEU C 129 15.22 30.23 -0.08
C LEU C 129 15.74 30.56 1.31
N ALA C 130 17.02 30.27 1.56
CA ALA C 130 17.60 30.58 2.87
C ALA C 130 17.55 32.07 3.19
N GLU C 131 17.55 32.93 2.18
CA GLU C 131 17.51 34.38 2.41
C GLU C 131 16.10 34.95 2.39
N LEU C 132 15.08 34.14 2.12
CA LEU C 132 13.74 34.68 1.93
C LEU C 132 12.92 34.63 3.21
N ASP C 133 11.82 35.39 3.20
CA ASP C 133 10.79 35.34 4.23
C ASP C 133 9.96 34.08 3.98
N LEU C 134 10.53 32.93 4.38
CA LEU C 134 9.93 31.64 4.07
C LEU C 134 10.43 30.58 5.04
N PRO C 135 9.57 30.11 5.94
CA PRO C 135 9.99 29.11 6.94
C PRO C 135 10.56 27.84 6.30
N VAL C 136 11.66 27.37 6.89
CA VAL C 136 12.43 26.27 6.32
C VAL C 136 11.58 25.02 6.18
N GLU C 137 10.70 24.77 7.14
CA GLU C 137 9.88 23.57 7.10
C GLU C 137 8.89 23.59 5.93
N LEU C 138 8.67 24.74 5.29
CA LEU C 138 7.75 24.83 4.16
C LEU C 138 8.43 24.72 2.80
N TRP C 139 9.76 24.69 2.73
CA TRP C 139 10.44 24.88 1.44
C TRP C 139 10.02 23.83 0.42
N ASP C 140 9.98 22.56 0.82
CA ASP C 140 9.78 21.50 -0.19
C ASP C 140 8.37 21.58 -0.77
N GLU C 141 7.36 21.81 0.08
CA GLU C 141 5.98 21.94 -0.41
C GLU C 141 5.78 23.26 -1.16
N ALA C 142 6.35 24.34 -0.65
CA ALA C 142 6.15 25.66 -1.26
C ALA C 142 6.63 25.68 -2.72
N THR C 143 7.72 24.99 -3.02
CA THR C 143 8.33 25.03 -4.34
C THR C 143 8.01 23.77 -5.16
N GLY C 144 6.86 23.15 -4.88
CA GLY C 144 6.30 22.12 -5.76
C GLY C 144 7.04 20.80 -5.77
N ARG C 145 7.72 20.47 -4.67
CA ARG C 145 8.45 19.22 -4.51
C ARG C 145 9.60 19.07 -5.50
N CYS C 146 10.10 20.17 -6.08
CA CYS C 146 11.28 20.03 -6.92
C CYS C 146 12.53 19.78 -6.09
N LEU C 147 12.55 20.24 -4.84
CA LEU C 147 13.73 20.04 -4.00
C LEU C 147 13.91 18.57 -3.62
N SER C 148 12.83 17.80 -3.55
CA SER C 148 12.94 16.38 -3.24
C SER C 148 12.94 15.50 -4.49
N MET C 149 13.33 16.05 -5.64
CA MET C 149 13.51 15.33 -6.91
C MET C 149 12.22 14.82 -7.51
N GLN C 150 11.08 15.42 -7.18
CA GLN C 150 9.81 15.05 -7.76
C GLN C 150 9.31 16.10 -8.75
N GLY C 151 10.11 17.10 -9.06
CA GLY C 151 9.70 18.19 -9.92
C GLY C 151 9.89 17.86 -11.38
N THR C 152 9.93 18.92 -12.18
CA THR C 152 10.00 18.83 -13.62
C THR C 152 11.23 19.61 -14.04
N TYR C 153 12.18 18.97 -14.70
CA TYR C 153 13.50 19.53 -14.94
C TYR C 153 13.81 19.40 -16.42
N HIS C 154 13.91 20.52 -17.12
CA HIS C 154 14.22 20.51 -18.55
C HIS C 154 15.65 20.99 -18.77
N LEU C 155 16.40 20.27 -19.58
CA LEU C 155 17.62 20.79 -20.17
C LEU C 155 17.30 21.10 -21.62
N THR C 156 17.47 22.36 -22.00
CA THR C 156 17.04 22.82 -23.31
C THR C 156 18.20 23.50 -24.00
N PHE C 157 18.45 23.12 -25.25
CA PHE C 157 19.58 23.62 -26.02
C PHE C 157 19.07 24.55 -27.11
N ASN C 158 19.76 25.68 -27.30
CA ASN C 158 19.38 26.68 -28.30
C ASN C 158 20.51 26.83 -29.31
N HIS C 159 20.19 26.67 -30.59
CA HIS C 159 21.13 26.95 -31.68
C HIS C 159 20.56 28.10 -32.50
N PHE C 160 21.25 29.23 -32.48
CA PHE C 160 20.79 30.43 -33.14
C PHE C 160 21.39 30.45 -34.54
N ARG C 161 20.54 30.43 -35.55
CA ARG C 161 20.99 30.38 -36.94
C ARG C 161 21.10 31.81 -37.46
N SER C 162 22.34 32.23 -37.75
CA SER C 162 22.54 33.60 -38.21
C SER C 162 21.96 33.81 -39.61
N HIS C 163 21.93 32.76 -40.44
CA HIS C 163 21.45 32.92 -41.81
C HIS C 163 19.93 33.11 -41.85
N VAL C 164 19.20 32.56 -40.88
CA VAL C 164 17.77 32.85 -40.77
C VAL C 164 17.60 34.28 -40.28
N ARG C 165 16.80 35.06 -41.01
CA ARG C 165 16.60 36.49 -40.76
C ARG C 165 15.39 36.65 -39.85
N ALA C 166 15.64 36.53 -38.54
CA ALA C 166 14.59 36.69 -37.54
C ALA C 166 15.25 37.05 -36.21
N ARG C 167 14.42 37.42 -35.24
CA ARG C 167 14.88 37.68 -33.89
C ARG C 167 15.57 36.43 -33.31
N GLY C 168 16.31 36.63 -32.22
CA GLY C 168 16.88 35.51 -31.50
C GLY C 168 15.81 34.64 -30.86
N LEU C 169 15.18 35.13 -29.80
CA LEU C 169 13.98 34.51 -29.24
C LEU C 169 13.09 35.62 -28.67
N ASN C 170 11.79 35.48 -28.93
CA ASN C 170 10.80 36.49 -28.54
C ASN C 170 10.75 36.68 -27.03
N VAL C 171 10.12 37.79 -26.63
CA VAL C 171 10.02 38.14 -25.22
C VAL C 171 9.25 37.07 -24.48
N HIS C 172 9.76 36.68 -23.32
CA HIS C 172 9.05 35.70 -22.52
C HIS C 172 9.55 35.74 -21.08
N LYS C 173 8.77 35.12 -20.22
CA LYS C 173 9.06 34.94 -18.81
C LYS C 173 9.03 33.44 -18.53
N ASP C 174 9.93 32.97 -17.66
CA ASP C 174 9.95 31.54 -17.37
C ASP C 174 8.82 31.18 -16.42
N SER C 175 8.42 29.90 -16.47
CA SER C 175 7.27 29.46 -15.70
C SER C 175 7.60 29.13 -14.24
N GLY C 176 8.81 28.63 -13.97
CA GLY C 176 9.02 27.92 -12.72
C GLY C 176 9.77 28.64 -11.63
N TRP C 177 10.81 27.98 -11.11
CA TRP C 177 11.47 28.43 -9.89
C TRP C 177 12.76 29.16 -10.22
N VAL C 178 13.77 28.43 -10.66
CA VAL C 178 14.99 29.04 -11.14
C VAL C 178 15.31 28.43 -12.50
N THR C 179 16.08 29.16 -13.28
CA THR C 179 16.64 28.73 -14.54
C THR C 179 18.13 29.02 -14.48
N ILE C 180 18.96 28.05 -14.84
CA ILE C 180 20.42 28.22 -14.86
C ILE C 180 20.87 28.20 -16.32
N LEU C 181 21.46 29.29 -16.78
CA LEU C 181 21.76 29.46 -18.20
C LEU C 181 23.26 29.39 -18.45
N ARG C 182 23.67 28.52 -19.38
CA ARG C 182 25.04 28.42 -19.86
C ARG C 182 25.12 29.12 -21.21
N SER C 183 25.80 30.26 -21.27
CA SER C 183 26.01 30.94 -22.53
C SER C 183 27.41 31.55 -22.53
N LEU C 184 27.91 31.83 -23.74
CA LEU C 184 29.24 32.39 -23.89
C LEU C 184 29.27 33.75 -24.56
N GLU C 185 28.24 34.13 -25.30
CA GLU C 185 28.28 35.31 -26.14
C GLU C 185 27.11 36.23 -25.85
N PRO C 186 27.22 37.52 -26.20
CA PRO C 186 26.09 38.44 -26.01
C PRO C 186 24.85 38.00 -26.76
N GLY C 187 23.74 38.67 -26.42
CA GLY C 187 22.45 38.38 -27.01
C GLY C 187 21.32 38.56 -26.01
N LEU C 188 21.52 38.07 -24.80
CA LEU C 188 20.48 38.14 -23.77
C LEU C 188 20.17 39.58 -23.41
N GLU C 189 18.88 39.90 -23.35
CA GLU C 189 18.43 41.18 -22.82
C GLU C 189 17.29 40.94 -21.85
N VAL C 190 17.32 41.68 -20.74
CA VAL C 190 16.33 41.52 -19.69
C VAL C 190 15.67 42.86 -19.45
N LEU C 191 14.38 42.82 -19.12
CA LEU C 191 13.62 44.04 -18.89
C LEU C 191 13.90 44.57 -17.48
N ARG C 192 14.36 45.82 -17.39
CA ARG C 192 14.68 46.42 -16.10
C ARG C 192 14.30 47.89 -16.13
N GLU C 193 13.38 48.29 -15.26
CA GLU C 193 12.91 49.68 -15.15
C GLU C 193 12.41 50.20 -16.49
N GLY C 194 11.61 49.38 -17.18
CA GLY C 194 10.99 49.77 -18.42
C GLY C 194 11.81 49.59 -19.68
N ASP C 195 13.12 49.45 -19.56
CA ASP C 195 13.98 49.36 -20.75
C ASP C 195 14.69 48.02 -20.79
N TRP C 196 15.21 47.70 -21.97
CA TRP C 196 15.91 46.44 -22.21
C TRP C 196 17.38 46.58 -21.86
N LEU C 197 17.86 45.71 -20.99
CA LEU C 197 19.23 45.74 -20.51
C LEU C 197 20.02 44.59 -21.12
N PRO C 198 21.03 44.88 -21.95
CA PRO C 198 21.89 43.82 -22.47
C PRO C 198 22.73 43.19 -21.37
N VAL C 199 22.83 41.87 -21.40
CA VAL C 199 23.59 41.12 -20.40
C VAL C 199 24.63 40.30 -21.13
N SER C 200 25.86 40.61 -20.89
CA SER C 200 26.94 39.84 -21.49
C SER C 200 27.35 38.72 -20.55
N PRO C 201 27.52 37.50 -21.05
CA PRO C 201 27.93 36.39 -20.19
C PRO C 201 29.32 36.61 -19.63
N ARG C 202 29.60 35.93 -18.51
CA ARG C 202 30.88 36.00 -17.86
C ARG C 202 31.54 34.62 -17.86
N PRO C 203 32.82 34.54 -18.16
CA PRO C 203 33.47 33.23 -18.25
C PRO C 203 33.47 32.53 -16.90
N GLY C 204 33.07 31.25 -16.91
CA GLY C 204 33.05 30.46 -15.71
C GLY C 204 31.87 30.70 -14.81
N GLU C 205 30.85 31.40 -15.28
CA GLU C 205 29.67 31.71 -14.49
C GLU C 205 28.44 31.34 -15.29
N PHE C 206 27.34 31.13 -14.57
CA PHE C 206 26.01 30.94 -15.16
C PHE C 206 25.18 32.18 -14.89
N ILE C 207 24.17 32.39 -15.73
CA ILE C 207 23.14 33.39 -15.47
C ILE C 207 21.93 32.67 -14.87
N VAL C 208 21.46 33.15 -13.72
CA VAL C 208 20.31 32.57 -13.04
C VAL C 208 19.16 33.55 -13.10
N ASN C 209 17.95 33.05 -13.35
CA ASN C 209 16.77 33.88 -13.27
C ASN C 209 15.64 33.10 -12.62
N PHE C 210 14.60 33.82 -12.23
CA PHE C 210 13.45 33.29 -11.52
C PHE C 210 12.25 33.20 -12.46
N GLY C 211 11.34 32.30 -12.16
CA GLY C 211 10.15 32.10 -12.95
C GLY C 211 8.89 32.56 -12.22
N CYS C 212 7.77 32.44 -12.93
CA CYS C 212 6.51 32.98 -12.42
C CYS C 212 6.11 32.33 -11.10
N ALA C 213 6.37 31.03 -10.94
CA ALA C 213 5.98 30.36 -9.70
C ALA C 213 6.70 30.97 -8.50
N MET C 214 7.98 31.31 -8.66
CA MET C 214 8.72 31.97 -7.59
C MET C 214 8.08 33.30 -7.22
N GLU C 215 7.66 34.09 -8.21
CA GLU C 215 7.05 35.38 -7.89
C GLU C 215 5.71 35.17 -7.18
N ILE C 216 4.91 34.20 -7.65
CA ILE C 216 3.63 33.94 -7.01
C ILE C 216 3.84 33.54 -5.55
N LEU C 217 4.86 32.73 -5.28
CA LEU C 217 5.09 32.27 -3.92
C LEU C 217 5.40 33.42 -2.99
N THR C 218 6.21 34.38 -3.46
CA THR C 218 6.89 35.33 -2.58
C THR C 218 6.24 36.71 -2.56
N ARG C 219 5.36 37.03 -3.51
CA ARG C 219 4.95 38.42 -3.70
C ARG C 219 4.07 38.96 -2.59
N HIS C 220 3.64 38.14 -1.63
CA HIS C 220 2.91 38.62 -0.46
C HIS C 220 3.71 38.43 0.81
N SER C 221 5.01 38.26 0.69
CA SER C 221 5.92 38.12 1.81
C SER C 221 6.76 39.40 1.94
N ALA C 222 7.62 39.41 2.96
CA ALA C 222 8.52 40.55 3.15
C ALA C 222 9.62 40.59 2.10
N THR C 223 9.76 39.56 1.27
CA THR C 223 10.82 39.49 0.27
C THR C 223 10.26 38.98 -1.06
N PRO C 224 9.45 39.80 -1.74
CA PRO C 224 8.99 39.41 -3.09
C PRO C 224 10.17 39.26 -4.06
N VAL C 225 10.09 38.21 -4.88
CA VAL C 225 11.08 37.90 -5.90
C VAL C 225 10.46 38.12 -7.26
N ALA C 226 11.20 38.75 -8.16
CA ALA C 226 10.67 39.14 -9.47
C ALA C 226 10.96 38.08 -10.52
N ALA C 227 9.93 37.70 -11.27
CA ALA C 227 10.11 36.98 -12.52
C ALA C 227 10.13 38.01 -13.65
N VAL C 228 11.19 38.00 -14.42
CA VAL C 228 11.51 39.09 -15.32
C VAL C 228 11.52 38.62 -16.77
N ALA C 229 10.91 39.42 -17.64
CA ALA C 229 10.90 39.17 -19.07
C ALA C 229 12.29 39.30 -19.65
N HIS C 230 12.56 38.48 -20.67
CA HIS C 230 13.86 38.50 -21.32
C HIS C 230 13.69 37.99 -22.74
N ARG C 231 14.73 38.19 -23.53
CA ARG C 231 14.69 37.98 -24.96
C ARG C 231 16.11 37.89 -25.48
N VAL C 232 16.26 37.44 -26.72
CA VAL C 232 17.58 37.37 -27.32
C VAL C 232 17.56 38.14 -28.64
N GLN C 233 18.52 39.04 -28.82
CA GLN C 233 18.61 39.83 -30.05
C GLN C 233 18.92 38.94 -31.25
N GLU C 234 18.51 39.41 -32.44
CA GLU C 234 18.84 38.70 -33.67
C GLU C 234 20.36 38.52 -33.79
N GLN C 235 20.78 37.32 -34.20
CA GLN C 235 22.17 37.05 -34.53
C GLN C 235 22.31 37.34 -36.01
N GLY C 238 26.06 37.97 -40.78
CA GLY C 238 27.26 37.18 -40.98
C GLY C 238 28.04 36.82 -39.72
N GLN C 239 27.50 37.17 -38.57
CA GLN C 239 28.06 36.70 -37.32
C GLN C 239 27.92 35.19 -37.25
N ALA C 240 28.90 34.54 -36.62
CA ALA C 240 28.88 33.08 -36.53
C ALA C 240 27.78 32.61 -35.59
N ASP C 241 27.42 31.33 -35.71
CA ASP C 241 26.29 30.78 -34.97
C ASP C 241 26.50 30.84 -33.46
N ARG C 242 25.45 31.19 -32.74
CA ARG C 242 25.45 31.30 -31.30
C ARG C 242 24.75 30.08 -30.69
N PHE C 243 25.10 29.77 -29.44
N PHE C 243 25.16 29.70 -29.48
CA PHE C 243 24.62 28.59 -28.76
CA PHE C 243 24.47 28.63 -28.79
C PHE C 243 24.43 28.89 -27.28
C PHE C 243 24.33 28.98 -27.33
N SER C 244 23.42 28.26 -26.67
CA SER C 244 23.21 28.39 -25.24
C SER C 244 22.36 27.21 -24.81
N TYR C 245 22.41 26.92 -23.51
CA TYR C 245 21.52 25.89 -22.99
C TYR C 245 21.24 26.20 -21.54
N ALA C 246 20.09 25.73 -21.05
CA ALA C 246 19.64 26.11 -19.73
C ALA C 246 18.93 24.94 -19.07
N LEU C 247 19.11 24.86 -17.76
CA LEU C 247 18.39 23.91 -16.91
C LEU C 247 17.23 24.67 -16.26
N PHE C 248 15.99 24.26 -16.57
CA PHE C 248 14.78 24.87 -16.05
C PHE C 248 14.21 24.00 -14.92
N VAL C 249 13.92 24.61 -13.79
CA VAL C 249 13.32 23.89 -12.66
C VAL C 249 11.88 24.33 -12.52
N ASP C 250 10.96 23.36 -12.60
CA ASP C 250 9.53 23.58 -12.42
C ASP C 250 8.97 22.65 -11.35
N SER C 251 7.76 22.97 -10.88
CA SER C 251 7.08 22.14 -9.90
C SER C 251 6.72 20.78 -10.48
N SER C 252 6.44 19.82 -9.58
CA SER C 252 5.74 18.62 -10.02
C SER C 252 4.40 19.04 -10.58
N LEU C 253 3.99 18.39 -11.67
CA LEU C 253 2.68 18.65 -12.26
C LEU C 253 1.67 17.58 -11.88
N ASP C 254 2.01 16.67 -10.97
CA ASP C 254 1.09 15.65 -10.49
C ASP C 254 0.36 16.17 -9.26
N PRO C 255 -0.94 16.45 -9.32
CA PRO C 255 -1.67 16.95 -8.14
C PRO C 255 -1.54 16.07 -6.91
N ARG C 256 -1.22 14.78 -7.05
CA ARG C 256 -0.99 13.95 -5.86
C ARG C 256 0.28 14.35 -5.14
N THR C 257 1.24 14.89 -5.87
CA THR C 257 2.51 15.31 -5.30
C THR C 257 2.55 16.79 -5.00
N CYS C 258 2.06 17.62 -5.92
CA CYS C 258 2.03 19.06 -5.76
C CYS C 258 0.61 19.51 -6.15
N PRO C 259 -0.15 20.08 -5.23
CA PRO C 259 -1.56 20.43 -5.56
C PRO C 259 -1.69 21.66 -6.43
N GLY C 260 -0.62 22.43 -6.64
CA GLY C 260 -0.72 23.59 -7.50
C GLY C 260 0.25 24.66 -7.05
N LEU C 261 -0.16 25.92 -7.20
CA LEU C 261 0.73 27.05 -6.97
C LEU C 261 0.38 27.68 -5.63
N PHE C 262 1.37 27.76 -4.72
CA PHE C 262 1.18 28.31 -3.40
C PHE C 262 1.60 29.77 -3.35
N ARG C 263 0.98 30.52 -2.44
CA ARG C 263 1.54 31.79 -1.98
C ARG C 263 1.82 31.66 -0.49
N TYR C 264 2.95 32.18 -0.04
CA TYR C 264 3.26 32.18 1.37
C TYR C 264 2.68 33.44 2.00
N LEU C 265 1.90 33.26 3.05
CA LEU C 265 1.31 34.37 3.78
C LEU C 265 1.92 34.43 5.17
N PRO C 266 2.75 35.43 5.48
CA PRO C 266 3.37 35.51 6.81
C PRO C 266 2.33 35.43 7.92
N GLY C 267 2.67 34.67 8.97
CA GLY C 267 1.77 34.43 10.07
C GLY C 267 0.70 33.38 9.81
N HIS C 268 0.50 32.96 8.56
CA HIS C 268 -0.53 31.97 8.24
C HIS C 268 -0.01 30.71 7.58
N GLY C 269 1.09 30.77 6.84
CA GLY C 269 1.60 29.61 6.14
C GLY C 269 1.35 29.67 4.65
N LEU C 270 1.32 28.49 4.02
CA LEU C 270 1.09 28.37 2.58
C LEU C 270 -0.40 28.33 2.27
N VAL C 271 -0.81 29.11 1.29
CA VAL C 271 -2.19 29.09 0.82
C VAL C 271 -2.17 28.71 -0.65
N LEU C 272 -3.06 27.77 -1.03
CA LEU C 272 -3.09 27.30 -2.41
C LEU C 272 -3.81 28.35 -3.26
N GLU C 273 -3.05 29.01 -4.13
CA GLU C 273 -3.61 30.05 -5.00
C GLU C 273 -4.17 29.51 -6.30
N ALA C 274 -3.63 28.40 -6.79
CA ALA C 274 -4.15 27.73 -7.99
C ALA C 274 -4.17 26.24 -7.70
N ASP C 275 -5.36 25.64 -7.80
CA ASP C 275 -5.59 24.24 -7.43
C ASP C 275 -5.65 23.44 -8.73
N PHE C 276 -4.55 22.75 -9.04
CA PHE C 276 -4.41 22.08 -10.34
C PHE C 276 -5.54 21.09 -10.59
N GLU C 277 -5.86 20.27 -9.58
CA GLU C 277 -6.87 19.24 -9.79
C GLU C 277 -8.25 19.87 -10.00
N MET C 278 -8.57 20.90 -9.23
CA MET C 278 -9.85 21.57 -9.42
C MET C 278 -9.95 22.17 -10.82
N PHE C 279 -8.86 22.75 -11.33
CA PHE C 279 -8.88 23.27 -12.70
C PHE C 279 -9.03 22.16 -13.71
N LEU C 280 -8.27 21.08 -13.56
CA LEU C 280 -8.41 19.97 -14.50
C LEU C 280 -9.84 19.42 -14.51
N ASN C 281 -10.53 19.50 -13.37
CA ASN C 281 -11.95 19.13 -13.35
C ASN C 281 -12.78 20.09 -14.21
N GLU C 282 -12.49 21.40 -14.13
CA GLU C 282 -13.12 22.35 -15.03
C GLU C 282 -12.82 22.03 -16.50
N ILE C 283 -11.57 21.67 -16.80
CA ILE C 283 -11.21 21.38 -18.18
C ILE C 283 -11.93 20.15 -18.69
N LEU C 284 -12.06 19.13 -17.83
CA LEU C 284 -12.83 17.96 -18.24
C LEU C 284 -14.26 18.33 -18.60
N HIS C 285 -14.91 19.16 -17.77
CA HIS C 285 -16.29 19.52 -18.03
C HIS C 285 -16.42 20.33 -19.31
N ASN C 286 -15.59 21.37 -19.47
CA ASN C 286 -15.58 22.16 -20.70
C ASN C 286 -15.36 21.27 -21.93
N THR C 287 -14.37 20.35 -21.85
CA THR C 287 -14.14 19.42 -22.95
C THR C 287 -15.39 18.59 -23.24
N TYR C 288 -16.12 18.22 -22.19
CA TYR C 288 -17.27 17.34 -22.35
C TYR C 288 -18.37 17.99 -23.19
N GLN C 289 -18.53 19.30 -23.09
CA GLN C 289 -19.60 20.05 -23.77
C GLN C 289 -19.24 20.60 -25.14
N GLU C 290 -17.96 20.66 -25.51
CA GLU C 290 -17.59 21.37 -26.73
C GLU C 290 -17.34 20.41 -27.85
N ASN C 291 -18.19 19.41 -27.96
CA ASN C 291 -18.01 18.33 -28.91
C ASN C 291 -19.26 17.43 -28.90
N ALA D 5 -40.68 4.59 -16.91
CA ALA D 5 -40.22 4.69 -15.52
C ALA D 5 -40.12 3.33 -14.85
N THR D 6 -40.36 2.26 -15.62
CA THR D 6 -40.19 0.89 -15.15
C THR D 6 -39.21 0.11 -16.03
N TYR D 7 -38.53 0.78 -16.95
CA TYR D 7 -37.51 0.15 -17.78
C TYR D 7 -36.43 -0.51 -16.91
N ALA D 8 -36.02 -1.71 -17.28
CA ALA D 8 -35.00 -2.45 -16.54
C ALA D 8 -33.65 -2.35 -17.25
N LEU D 9 -32.61 -1.96 -16.51
CA LEU D 9 -31.28 -1.93 -17.10
C LEU D 9 -30.83 -3.33 -17.52
N ALA D 10 -29.98 -3.37 -18.54
CA ALA D 10 -29.26 -4.59 -18.89
C ALA D 10 -28.42 -5.08 -17.72
N SER D 11 -28.18 -6.40 -17.69
CA SER D 11 -27.36 -7.02 -16.65
C SER D 11 -26.43 -8.09 -17.24
N ALA D 12 -25.18 -8.09 -16.79
CA ALA D 12 -24.19 -9.01 -17.31
C ALA D 12 -23.46 -9.70 -16.17
N GLU D 13 -22.75 -10.76 -16.54
CA GLU D 13 -21.83 -11.48 -15.67
C GLU D 13 -20.46 -11.47 -16.34
N LEU D 14 -19.41 -11.33 -15.53
CA LEU D 14 -18.06 -11.24 -16.04
C LEU D 14 -17.48 -12.65 -16.10
N ILE D 15 -17.43 -13.22 -17.29
CA ILE D 15 -17.02 -14.62 -17.50
C ILE D 15 -15.90 -14.64 -18.52
N ASP D 16 -14.75 -15.20 -18.14
CA ASP D 16 -13.60 -15.36 -19.02
C ASP D 16 -13.18 -14.02 -19.63
N GLY D 17 -13.27 -12.96 -18.84
CA GLY D 17 -12.87 -11.64 -19.27
C GLY D 17 -13.85 -10.92 -20.18
N LYS D 18 -15.02 -11.49 -20.44
CA LYS D 18 -16.03 -10.87 -21.27
C LYS D 18 -17.32 -10.68 -20.47
N LEU D 19 -18.06 -9.63 -20.80
CA LEU D 19 -19.37 -9.42 -20.19
C LEU D 19 -20.40 -10.26 -20.93
N ARG D 20 -21.07 -11.14 -20.21
CA ARG D 20 -22.12 -11.99 -20.78
C ARG D 20 -23.45 -11.42 -20.29
N PHE D 21 -24.16 -10.73 -21.17
CA PHE D 21 -25.40 -10.07 -20.81
C PHE D 21 -26.57 -11.03 -20.84
N ASP D 22 -27.57 -10.75 -20.02
CA ASP D 22 -28.74 -11.61 -19.98
C ASP D 22 -29.71 -11.36 -21.13
N SER D 23 -29.39 -10.46 -22.06
CA SER D 23 -30.08 -10.35 -23.35
C SER D 23 -29.04 -10.01 -24.42
N SER D 24 -29.41 -10.27 -25.68
N SER D 24 -29.39 -10.28 -25.68
CA SER D 24 -28.46 -10.09 -26.78
CA SER D 24 -28.42 -10.07 -26.77
C SER D 24 -28.20 -8.60 -27.07
C SER D 24 -28.18 -8.59 -27.03
N ASP D 25 -29.16 -7.74 -26.77
CA ASP D 25 -28.98 -6.31 -26.95
C ASP D 25 -28.38 -5.65 -25.72
N GLY D 26 -27.88 -6.46 -24.78
CA GLY D 26 -27.51 -5.93 -23.46
C GLY D 26 -26.39 -4.92 -23.53
N PHE D 27 -25.33 -5.23 -24.29
CA PHE D 27 -24.22 -4.28 -24.34
C PHE D 27 -24.64 -2.98 -25.02
N ALA D 28 -25.43 -3.08 -26.09
CA ALA D 28 -25.90 -1.87 -26.77
C ALA D 28 -26.74 -1.01 -25.85
N ARG D 29 -27.63 -1.63 -25.06
CA ARG D 29 -28.41 -0.87 -24.10
C ARG D 29 -27.50 -0.27 -23.02
N ALA D 30 -26.53 -1.05 -22.53
CA ALA D 30 -25.63 -0.57 -21.50
C ALA D 30 -24.92 0.72 -21.90
N ILE D 31 -24.38 0.78 -23.11
CA ILE D 31 -23.65 1.98 -23.51
C ILE D 31 -24.59 3.07 -23.98
N ALA D 32 -25.84 2.74 -24.32
CA ALA D 32 -26.83 3.78 -24.55
C ALA D 32 -27.41 4.30 -23.24
N ASP D 33 -27.70 3.40 -22.29
CA ASP D 33 -28.28 3.83 -21.02
C ASP D 33 -27.22 4.48 -20.11
N GLY D 34 -25.93 4.18 -20.34
CA GLY D 34 -24.87 4.67 -19.49
C GLY D 34 -24.78 3.97 -18.15
N PHE D 35 -25.67 3.03 -17.88
CA PHE D 35 -25.77 2.32 -16.61
C PHE D 35 -26.15 0.87 -16.89
N PHE D 36 -25.55 -0.06 -16.16
CA PHE D 36 -25.93 -1.45 -16.30
C PHE D 36 -25.48 -2.20 -15.06
N PHE D 37 -26.00 -3.42 -14.89
CA PHE D 37 -25.72 -4.26 -13.73
C PHE D 37 -24.63 -5.26 -14.04
N VAL D 38 -23.79 -5.57 -13.04
CA VAL D 38 -22.78 -6.62 -13.19
C VAL D 38 -22.78 -7.46 -11.92
N LYS D 39 -22.89 -8.77 -12.11
CA LYS D 39 -22.92 -9.69 -10.97
C LYS D 39 -21.60 -9.63 -10.20
N SER D 40 -21.71 -9.54 -8.89
CA SER D 40 -20.49 -9.58 -8.07
C SER D 40 -19.91 -10.99 -8.17
N PRO D 41 -18.63 -11.13 -8.49
CA PRO D 41 -18.02 -12.48 -8.55
C PRO D 41 -17.65 -12.99 -7.16
N SER D 42 -18.67 -13.26 -6.36
CA SER D 42 -18.52 -13.80 -5.00
C SER D 42 -17.61 -12.93 -4.14
N LEU D 43 -17.62 -11.61 -4.35
CA LEU D 43 -16.76 -10.75 -3.56
C LEU D 43 -17.27 -10.64 -2.12
N ASP D 44 -16.34 -10.61 -1.18
CA ASP D 44 -16.66 -10.41 0.23
C ASP D 44 -16.82 -8.91 0.46
N LEU D 45 -18.02 -8.47 0.82
CA LEU D 45 -18.36 -7.05 0.93
C LEU D 45 -18.56 -6.59 2.37
N ALA D 46 -18.16 -7.40 3.35
CA ALA D 46 -18.51 -7.14 4.75
C ALA D 46 -17.70 -6.00 5.34
N ALA D 47 -16.43 -5.86 4.96
CA ALA D 47 -15.65 -4.75 5.51
C ALA D 47 -16.18 -3.41 5.02
N GLY D 48 -16.54 -3.32 3.74
CA GLY D 48 -17.13 -2.10 3.22
C GLY D 48 -18.50 -1.81 3.82
N ASP D 49 -19.34 -2.85 3.93
CA ASP D 49 -20.67 -2.65 4.50
C ASP D 49 -20.57 -2.15 5.94
N THR D 50 -19.60 -2.68 6.71
CA THR D 50 -19.37 -2.25 8.08
C THR D 50 -18.87 -0.81 8.14
N PHE D 51 -17.84 -0.48 7.35
CA PHE D 51 -17.35 0.89 7.29
C PHE D 51 -18.47 1.85 6.95
N ALA D 52 -19.32 1.47 5.99
CA ALA D 52 -20.39 2.35 5.55
C ALA D 52 -21.34 2.69 6.69
N ARG D 53 -21.45 1.81 7.67
CA ARG D 53 -22.38 1.99 8.78
C ARG D 53 -21.72 2.55 10.04
N ASN D 54 -20.40 2.74 10.02
CA ASN D 54 -19.64 3.04 11.24
C ASN D 54 -18.66 4.20 11.12
N PHE D 55 -18.22 4.58 9.90
CA PHE D 55 -17.10 5.50 9.81
C PHE D 55 -17.40 6.83 10.48
N TYR D 56 -18.66 7.23 10.47
CA TYR D 56 -19.10 8.51 11.03
C TYR D 56 -19.45 8.43 12.50
N LEU D 57 -19.47 7.22 13.08
CA LEU D 57 -19.75 7.10 14.50
C LEU D 57 -18.53 7.43 15.33
N PRO D 58 -18.71 7.86 16.58
CA PRO D 58 -17.55 8.03 17.46
C PRO D 58 -16.93 6.67 17.76
N ARG D 59 -15.61 6.65 17.87
CA ARG D 59 -14.89 5.41 18.09
C ARG D 59 -15.01 4.99 19.54
N GLN D 60 -15.48 3.76 19.77
CA GLN D 60 -15.49 3.19 21.10
C GLN D 60 -14.49 2.02 21.15
N GLU D 61 -14.72 1.08 22.06
CA GLU D 61 -13.74 0.01 22.26
C GLU D 61 -14.24 -1.35 21.80
N GLY D 62 -15.39 -1.40 21.16
CA GLY D 62 -15.92 -2.64 20.65
C GLY D 62 -15.15 -3.15 19.45
N LEU D 63 -15.67 -4.25 18.90
CA LEU D 63 -15.11 -4.83 17.70
C LEU D 63 -15.28 -3.93 16.48
N GLY D 64 -16.23 -2.99 16.52
CA GLY D 64 -16.37 -2.09 15.40
C GLY D 64 -15.42 -0.91 15.42
N ALA D 65 -14.63 -0.80 16.48
CA ALA D 65 -13.76 0.36 16.66
C ALA D 65 -12.85 0.66 15.46
N PRO D 66 -12.21 -0.32 14.80
CA PRO D 66 -11.35 0.02 13.66
C PRO D 66 -12.10 0.67 12.52
N TYR D 67 -13.43 0.58 12.52
CA TYR D 67 -14.25 1.11 11.44
C TYR D 67 -14.93 2.41 11.83
N GLN D 68 -14.59 2.96 12.99
CA GLN D 68 -15.25 4.13 13.55
C GLN D 68 -14.27 5.29 13.72
N GLY D 69 -14.83 6.49 13.89
CA GLY D 69 -14.04 7.67 14.21
C GLY D 69 -13.28 8.27 13.05
N PHE D 70 -13.75 8.07 11.83
CA PHE D 70 -13.01 8.57 10.66
C PHE D 70 -13.18 10.06 10.43
N SER D 71 -13.92 10.73 11.33
CA SER D 71 -13.89 12.18 11.42
C SER D 71 -12.48 12.70 11.66
N GLN D 72 -11.59 11.90 12.23
CA GLN D 72 -10.19 12.32 12.39
C GLN D 72 -9.45 12.41 11.04
N TRP D 73 -9.96 11.75 9.99
CA TRP D 73 -9.26 11.73 8.70
C TRP D 73 -9.81 12.83 7.83
N THR D 74 -9.28 14.03 8.03
CA THR D 74 -9.68 15.22 7.29
C THR D 74 -8.63 15.57 6.24
N GLU D 75 -8.99 16.54 5.39
CA GLU D 75 -8.16 16.92 4.25
C GLU D 75 -6.72 17.21 4.64
N ASP D 76 -6.53 17.89 5.78
CA ASP D 76 -5.18 18.31 6.15
C ASP D 76 -4.27 17.13 6.45
N ARG D 77 -4.82 15.95 6.73
CA ARG D 77 -4.00 14.77 6.91
C ARG D 77 -3.85 13.96 5.63
N LEU D 78 -4.53 14.34 4.54
CA LEU D 78 -4.52 13.55 3.32
C LEU D 78 -4.20 14.44 2.13
N ALA D 79 -5.23 14.90 1.44
CA ALA D 79 -5.10 15.96 0.43
C ALA D 79 -6.46 16.62 0.32
N ARG D 80 -6.50 17.73 -0.39
CA ARG D 80 -7.77 18.42 -0.57
C ARG D 80 -8.81 17.50 -1.20
N ARG D 81 -10.02 17.56 -0.65
CA ARG D 81 -11.20 16.81 -1.08
C ARG D 81 -11.11 15.33 -0.73
N GLU D 82 -10.11 14.93 0.06
CA GLU D 82 -10.04 13.56 0.55
C GLU D 82 -10.50 13.48 2.01
N GLY D 83 -11.05 12.33 2.37
CA GLY D 83 -11.40 12.08 3.76
C GLY D 83 -12.86 12.30 4.09
N TYR D 84 -13.08 12.75 5.32
CA TYR D 84 -14.40 12.86 5.89
C TYR D 84 -15.04 14.20 5.56
N PHE D 85 -16.31 14.17 5.19
CA PHE D 85 -17.06 15.39 4.93
C PHE D 85 -18.48 15.23 5.47
N SER D 86 -18.88 16.19 6.29
CA SER D 86 -20.28 16.33 6.68
C SER D 86 -20.85 17.54 5.96
N ARG D 87 -21.10 17.37 4.67
CA ARG D 87 -21.44 18.50 3.83
C ARG D 87 -22.91 18.90 3.99
N ASP D 88 -23.26 20.05 3.41
CA ASP D 88 -24.41 20.83 3.84
C ASP D 88 -25.37 21.17 2.69
N VAL D 89 -25.44 20.36 1.65
CA VAL D 89 -26.33 20.63 0.51
C VAL D 89 -27.09 19.39 0.07
N ASP D 90 -26.81 18.23 0.65
CA ASP D 90 -27.70 17.08 0.58
C ASP D 90 -27.56 16.29 1.89
N GLN D 91 -28.35 15.22 2.00
CA GLN D 91 -28.29 14.44 3.23
C GLN D 91 -26.94 13.76 3.41
N VAL D 92 -26.10 13.74 2.38
CA VAL D 92 -25.01 12.76 2.34
C VAL D 92 -23.86 13.25 3.21
N GLU D 93 -23.45 12.37 4.12
CA GLU D 93 -22.22 12.45 4.87
C GLU D 93 -21.25 11.48 4.18
N GLN D 94 -20.04 11.93 3.84
CA GLN D 94 -19.23 11.10 2.95
C GLN D 94 -17.83 10.83 3.50
N PHE D 95 -17.21 9.79 2.95
CA PHE D 95 -15.78 9.51 3.13
C PHE D 95 -15.17 9.18 1.78
N PHE D 96 -14.25 10.02 1.32
CA PHE D 96 -13.59 9.90 0.02
C PHE D 96 -12.17 9.44 0.26
N LEU D 97 -11.70 8.44 -0.49
CA LEU D 97 -10.30 8.08 -0.28
C LEU D 97 -9.70 7.49 -1.55
N GLU D 98 -8.68 8.16 -2.05
CA GLU D 98 -7.90 7.68 -3.18
C GLU D 98 -6.96 6.55 -2.73
N SER D 99 -6.66 5.64 -3.66
CA SER D 99 -5.94 4.41 -3.36
C SER D 99 -4.60 4.63 -2.66
N ARG D 100 -3.88 5.71 -2.99
CA ARG D 100 -2.57 5.87 -2.37
C ARG D 100 -2.67 5.99 -0.84
N PHE D 101 -3.84 6.35 -0.32
CA PHE D 101 -4.04 6.45 1.12
C PHE D 101 -4.63 5.19 1.75
N TRP D 102 -5.07 4.21 0.95
CA TRP D 102 -5.84 3.10 1.48
C TRP D 102 -5.09 2.35 2.57
N GLN D 103 -3.82 2.00 2.33
CA GLN D 103 -3.10 1.21 3.33
C GLN D 103 -2.96 1.97 4.65
N THR D 104 -2.73 3.27 4.57
CA THR D 104 -2.56 4.10 5.78
C THR D 104 -3.85 4.22 6.58
N VAL D 105 -4.99 4.35 5.91
CA VAL D 105 -6.23 4.79 6.55
C VAL D 105 -7.17 3.63 6.88
N PHE D 106 -7.32 2.68 5.96
CA PHE D 106 -8.32 1.63 6.08
C PHE D 106 -7.81 0.46 6.93
N PRO D 107 -8.65 -0.13 7.76
CA PRO D 107 -8.29 -1.41 8.42
C PRO D 107 -8.05 -2.50 7.38
N GLY D 108 -7.21 -3.47 7.74
CA GLY D 108 -6.83 -4.57 6.87
C GLY D 108 -7.90 -5.12 5.94
N PRO D 109 -9.00 -5.61 6.52
CA PRO D 109 -10.06 -6.19 5.68
C PRO D 109 -10.66 -5.23 4.68
N LEU D 110 -10.80 -3.94 5.01
CA LEU D 110 -11.30 -2.97 4.03
C LEU D 110 -10.25 -2.66 2.98
N LEU D 111 -8.98 -2.56 3.38
CA LEU D 111 -7.89 -2.45 2.41
C LEU D 111 -8.02 -3.53 1.35
N ARG D 112 -8.19 -4.78 1.76
CA ARG D 112 -8.29 -5.87 0.80
C ARG D 112 -9.53 -5.74 -0.05
N GLN D 113 -10.65 -5.36 0.55
CA GLN D 113 -11.86 -5.21 -0.25
C GLN D 113 -11.70 -4.10 -1.28
N ALA D 114 -11.10 -2.98 -0.88
CA ALA D 114 -10.90 -1.87 -1.81
C ALA D 114 -10.01 -2.28 -2.98
N GLU D 115 -8.94 -3.01 -2.70
CA GLU D 115 -8.06 -3.45 -3.78
C GLU D 115 -8.76 -4.45 -4.70
N ARG D 116 -9.55 -5.37 -4.14
CA ARG D 116 -10.31 -6.28 -5.00
C ARG D 116 -11.37 -5.53 -5.80
N MET D 117 -11.99 -4.52 -5.21
CA MET D 117 -12.96 -3.75 -5.98
C MET D 117 -12.28 -2.98 -7.11
N ARG D 118 -11.07 -2.48 -6.88
CA ARG D 118 -10.34 -1.78 -7.93
C ARG D 118 -10.02 -2.73 -9.08
N SER D 119 -9.50 -3.91 -8.77
CA SER D 119 -9.15 -4.85 -9.84
C SER D 119 -10.39 -5.34 -10.58
N PHE D 120 -11.48 -5.62 -9.87
CA PHE D 120 -12.75 -5.93 -10.52
C PHE D 120 -13.17 -4.80 -11.44
N SER D 121 -13.08 -3.54 -10.99
N SER D 121 -13.07 -3.54 -10.98
CA SER D 121 -13.49 -2.42 -11.82
CA SER D 121 -13.50 -2.41 -11.80
C SER D 121 -12.67 -2.35 -13.10
C SER D 121 -12.67 -2.33 -13.08
N LEU D 122 -11.37 -2.65 -12.99
CA LEU D 122 -10.53 -2.60 -14.18
C LEU D 122 -10.81 -3.77 -15.11
N GLU D 123 -11.15 -4.95 -14.57
CA GLU D 123 -11.61 -6.04 -15.45
C GLU D 123 -12.88 -5.66 -16.20
N VAL D 124 -13.81 -5.00 -15.52
CA VAL D 124 -15.01 -4.54 -16.19
C VAL D 124 -14.66 -3.55 -17.29
N LEU D 125 -13.78 -2.60 -16.99
CA LEU D 125 -13.34 -1.63 -17.99
C LEU D 125 -12.78 -2.34 -19.21
N ARG D 126 -11.86 -3.30 -19.01
CA ARG D 126 -11.29 -4.01 -20.15
C ARG D 126 -12.37 -4.75 -20.92
N ALA D 127 -13.31 -5.35 -20.21
CA ALA D 127 -14.35 -6.11 -20.90
C ALA D 127 -15.23 -5.19 -21.74
N VAL D 128 -15.45 -3.96 -21.28
CA VAL D 128 -16.17 -2.98 -22.09
C VAL D 128 -15.36 -2.58 -23.33
N LEU D 129 -14.07 -2.25 -23.13
CA LEU D 129 -13.26 -1.81 -24.26
C LEU D 129 -13.17 -2.90 -25.33
N ALA D 130 -13.19 -4.17 -24.91
CA ALA D 130 -13.19 -5.28 -25.86
C ALA D 130 -14.34 -5.19 -26.85
N GLU D 131 -15.46 -4.59 -26.47
CA GLU D 131 -16.60 -4.52 -27.37
C GLU D 131 -16.66 -3.21 -28.15
N LEU D 132 -15.77 -2.27 -27.88
CA LEU D 132 -15.89 -0.96 -28.50
C LEU D 132 -15.10 -0.89 -29.79
N ASP D 133 -15.38 0.17 -30.55
CA ASP D 133 -14.58 0.56 -31.70
C ASP D 133 -13.33 1.26 -31.17
N LEU D 134 -12.35 0.44 -30.73
CA LEU D 134 -11.13 0.97 -30.13
C LEU D 134 -10.02 -0.08 -30.18
N PRO D 135 -8.98 0.13 -30.98
CA PRO D 135 -7.93 -0.89 -31.15
C PRO D 135 -7.22 -1.20 -29.84
N VAL D 136 -6.97 -2.50 -29.61
CA VAL D 136 -6.46 -2.97 -28.32
C VAL D 136 -5.14 -2.28 -27.97
N GLU D 137 -4.31 -1.99 -28.97
CA GLU D 137 -3.01 -1.41 -28.67
C GLU D 137 -3.11 0.01 -28.12
N LEU D 138 -4.28 0.64 -28.22
CA LEU D 138 -4.48 1.99 -27.74
C LEU D 138 -5.08 2.05 -26.33
N TRP D 139 -5.49 0.93 -25.75
CA TRP D 139 -6.34 0.94 -24.57
C TRP D 139 -5.69 1.68 -23.40
N ASP D 140 -4.41 1.39 -23.13
CA ASP D 140 -3.80 1.91 -21.91
C ASP D 140 -3.64 3.42 -21.99
N GLU D 141 -3.16 3.92 -23.13
CA GLU D 141 -3.02 5.36 -23.31
C GLU D 141 -4.38 6.03 -23.44
N ALA D 142 -5.30 5.39 -24.15
CA ALA D 142 -6.62 6.00 -24.36
C ALA D 142 -7.34 6.22 -23.04
N THR D 143 -7.16 5.33 -22.06
CA THR D 143 -7.90 5.45 -20.81
C THR D 143 -7.04 5.99 -19.68
N GLY D 144 -6.01 6.77 -19.99
CA GLY D 144 -5.34 7.56 -18.99
C GLY D 144 -4.39 6.81 -18.09
N ARG D 145 -3.92 5.64 -18.54
CA ARG D 145 -3.01 4.75 -17.82
C ARG D 145 -3.61 4.19 -16.53
N CYS D 146 -4.94 4.19 -16.41
CA CYS D 146 -5.55 3.52 -15.26
C CYS D 146 -5.39 2.00 -15.36
N LEU D 147 -5.31 1.46 -16.58
CA LEU D 147 -5.22 0.01 -16.73
C LEU D 147 -3.85 -0.51 -16.28
N SER D 148 -2.82 0.32 -16.35
CA SER D 148 -1.48 -0.05 -15.90
C SER D 148 -1.18 0.47 -14.50
N MET D 149 -2.23 0.65 -13.70
CA MET D 149 -2.13 0.95 -12.27
C MET D 149 -1.49 2.29 -12.00
N GLN D 150 -1.62 3.23 -12.95
CA GLN D 150 -1.11 4.58 -12.77
C GLN D 150 -2.23 5.61 -12.70
N GLY D 151 -3.48 5.16 -12.63
CA GLY D 151 -4.61 6.06 -12.63
C GLY D 151 -4.93 6.58 -11.24
N THR D 152 -6.14 7.11 -11.11
CA THR D 152 -6.66 7.64 -9.86
C THR D 152 -7.90 6.85 -9.49
N TYR D 153 -7.92 6.24 -8.31
CA TYR D 153 -8.96 5.30 -7.94
C TYR D 153 -9.51 5.71 -6.58
N HIS D 154 -10.77 6.13 -6.53
CA HIS D 154 -11.41 6.52 -5.28
C HIS D 154 -12.42 5.47 -4.85
N LEU D 155 -12.36 5.12 -3.56
CA LEU D 155 -13.45 4.43 -2.88
C LEU D 155 -14.16 5.47 -2.04
N THR D 156 -15.45 5.65 -2.27
CA THR D 156 -16.18 6.74 -1.63
C THR D 156 -17.40 6.16 -0.96
N PHE D 157 -17.63 6.54 0.30
CA PHE D 157 -18.74 6.02 1.09
C PHE D 157 -19.77 7.12 1.28
N ASN D 158 -21.05 6.76 1.11
CA ASN D 158 -22.17 7.68 1.26
C ASN D 158 -23.05 7.22 2.41
N HIS D 159 -23.27 8.10 3.39
CA HIS D 159 -24.23 7.85 4.45
C HIS D 159 -25.35 8.88 4.32
N PHE D 160 -26.56 8.42 4.03
CA PHE D 160 -27.68 9.32 3.79
C PHE D 160 -28.38 9.57 5.12
N ARG D 161 -28.30 10.80 5.61
CA ARG D 161 -28.88 11.15 6.91
C ARG D 161 -30.37 11.39 6.73
N SER D 162 -31.19 10.48 7.25
CA SER D 162 -32.65 10.61 7.14
C SER D 162 -33.16 11.88 7.81
N HIS D 163 -32.45 12.39 8.82
CA HIS D 163 -32.91 13.54 9.60
C HIS D 163 -32.66 14.87 8.91
N VAL D 164 -31.71 14.95 7.98
CA VAL D 164 -31.46 16.17 7.25
C VAL D 164 -32.55 16.34 6.20
N ARG D 165 -33.22 17.49 6.19
CA ARG D 165 -34.29 17.72 5.22
C ARG D 165 -33.68 18.29 3.93
N ALA D 166 -33.21 17.38 3.10
CA ALA D 166 -32.64 17.71 1.81
C ALA D 166 -32.77 16.48 0.90
N ARG D 167 -32.37 16.64 -0.35
CA ARG D 167 -32.29 15.55 -1.31
C ARG D 167 -31.13 14.63 -0.97
N GLY D 168 -31.17 13.42 -1.50
CA GLY D 168 -30.11 12.45 -1.26
C GLY D 168 -28.76 12.89 -1.78
N LEU D 169 -28.64 12.99 -3.10
CA LEU D 169 -27.44 13.48 -3.77
C LEU D 169 -27.88 14.21 -5.02
N ASN D 170 -27.39 15.44 -5.21
CA ASN D 170 -27.82 16.25 -6.33
C ASN D 170 -27.37 15.64 -7.65
N VAL D 171 -28.01 16.11 -8.73
CA VAL D 171 -27.71 15.61 -10.07
C VAL D 171 -26.23 15.79 -10.36
N HIS D 172 -25.61 14.76 -10.91
CA HIS D 172 -24.23 14.87 -11.33
C HIS D 172 -23.93 13.79 -12.35
N LYS D 173 -22.88 14.03 -13.12
CA LYS D 173 -22.23 13.02 -13.97
C LYS D 173 -20.87 12.71 -13.38
N ASP D 174 -20.45 11.45 -13.47
CA ASP D 174 -19.12 11.08 -13.02
C ASP D 174 -18.07 11.56 -14.04
N SER D 175 -16.86 11.81 -13.54
CA SER D 175 -15.78 12.37 -14.35
C SER D 175 -15.05 11.35 -15.22
N GLY D 176 -14.88 10.12 -14.73
CA GLY D 176 -13.89 9.22 -15.28
C GLY D 176 -14.35 8.16 -16.25
N TRP D 177 -13.94 6.91 -15.99
CA TRP D 177 -14.09 5.85 -16.97
C TRP D 177 -15.27 4.96 -16.63
N VAL D 178 -15.15 4.22 -15.53
CA VAL D 178 -16.25 3.43 -15.02
C VAL D 178 -16.36 3.70 -13.52
N THR D 179 -17.54 3.47 -12.99
CA THR D 179 -17.81 3.55 -11.56
C THR D 179 -18.54 2.28 -11.19
N ILE D 180 -18.15 1.66 -10.08
CA ILE D 180 -18.74 0.40 -9.64
C ILE D 180 -19.41 0.70 -8.31
N LEU D 181 -20.73 0.57 -8.26
CA LEU D 181 -21.53 1.05 -7.15
C LEU D 181 -22.09 -0.14 -6.38
N ARG D 182 -21.85 -0.15 -5.07
CA ARG D 182 -22.40 -1.13 -4.15
C ARG D 182 -23.53 -0.45 -3.37
N SER D 183 -24.76 -0.85 -3.63
CA SER D 183 -25.90 -0.33 -2.88
C SER D 183 -26.92 -1.44 -2.66
N LEU D 184 -27.79 -1.24 -1.67
CA LEU D 184 -28.77 -2.25 -1.29
C LEU D 184 -30.21 -1.77 -1.37
N GLU D 185 -30.44 -0.47 -1.40
CA GLU D 185 -31.77 0.08 -1.23
C GLU D 185 -32.11 1.04 -2.37
N PRO D 186 -33.39 1.27 -2.63
CA PRO D 186 -33.77 2.23 -3.67
C PRO D 186 -33.25 3.62 -3.37
N GLY D 187 -33.27 4.46 -4.40
CA GLY D 187 -32.89 5.85 -4.24
C GLY D 187 -32.21 6.38 -5.48
N LEU D 188 -31.43 5.50 -6.12
CA LEU D 188 -30.75 5.89 -7.35
C LEU D 188 -31.78 6.17 -8.45
N GLU D 189 -31.59 7.28 -9.16
CA GLU D 189 -32.36 7.58 -10.35
C GLU D 189 -31.39 8.10 -11.41
N VAL D 190 -31.63 7.70 -12.66
CA VAL D 190 -30.77 8.05 -13.78
C VAL D 190 -31.62 8.67 -14.89
N LEU D 191 -31.00 9.58 -15.65
CA LEU D 191 -31.72 10.30 -16.70
C LEU D 191 -31.76 9.46 -17.96
N ARG D 192 -32.96 9.07 -18.38
CA ARG D 192 -33.13 8.28 -19.60
C ARG D 192 -34.30 8.83 -20.39
N GLU D 193 -34.03 9.26 -21.62
CA GLU D 193 -35.03 9.79 -22.54
C GLU D 193 -35.84 10.93 -21.90
N GLY D 194 -35.11 11.87 -21.31
CA GLY D 194 -35.70 13.06 -20.74
C GLY D 194 -36.28 12.90 -19.34
N ASP D 195 -36.59 11.67 -18.92
CA ASP D 195 -37.23 11.44 -17.63
C ASP D 195 -36.29 10.69 -16.69
N TRP D 196 -36.59 10.81 -15.39
CA TRP D 196 -35.78 10.19 -14.35
C TRP D 196 -36.24 8.77 -14.09
N LEU D 197 -35.31 7.83 -14.18
CA LEU D 197 -35.62 6.42 -14.08
C LEU D 197 -35.13 5.85 -12.75
N PRO D 198 -36.04 5.42 -11.87
CA PRO D 198 -35.61 4.74 -10.64
C PRO D 198 -34.92 3.42 -10.96
N VAL D 199 -33.85 3.14 -10.23
CA VAL D 199 -33.09 1.91 -10.41
C VAL D 199 -33.05 1.23 -9.05
N SER D 200 -33.70 0.08 -8.96
CA SER D 200 -33.54 -0.57 -7.66
C SER D 200 -32.34 -1.50 -7.70
N PRO D 201 -31.53 -1.49 -6.64
CA PRO D 201 -30.41 -2.42 -6.58
C PRO D 201 -30.90 -3.86 -6.68
N ARG D 202 -30.02 -4.73 -7.15
CA ARG D 202 -30.29 -6.15 -7.26
C ARG D 202 -29.33 -6.90 -6.35
N PRO D 203 -29.81 -7.92 -5.63
CA PRO D 203 -28.93 -8.62 -4.68
C PRO D 203 -27.76 -9.27 -5.39
N GLY D 204 -26.57 -9.09 -4.82
CA GLY D 204 -25.37 -9.72 -5.32
C GLY D 204 -24.82 -9.13 -6.60
N GLU D 205 -25.26 -7.95 -6.98
CA GLU D 205 -24.84 -7.29 -8.21
C GLU D 205 -24.37 -5.89 -7.90
N PHE D 206 -23.44 -5.39 -8.71
CA PHE D 206 -23.08 -3.98 -8.66
C PHE D 206 -23.78 -3.22 -9.77
N ILE D 207 -23.89 -1.92 -9.59
CA ILE D 207 -24.36 -1.03 -10.64
C ILE D 207 -23.13 -0.38 -11.25
N VAL D 208 -23.01 -0.42 -12.58
CA VAL D 208 -21.86 0.15 -13.29
C VAL D 208 -22.33 1.32 -14.16
N ASN D 209 -21.55 2.40 -14.18
CA ASN D 209 -21.85 3.50 -15.09
C ASN D 209 -20.56 4.11 -15.59
N PHE D 210 -20.69 4.94 -16.61
CA PHE D 210 -19.56 5.55 -17.29
C PHE D 210 -19.46 7.03 -16.95
N GLY D 211 -18.26 7.57 -17.10
CA GLY D 211 -18.00 8.98 -16.83
C GLY D 211 -17.68 9.76 -18.10
N CYS D 212 -17.50 11.06 -17.90
CA CYS D 212 -17.33 11.99 -19.01
C CYS D 212 -16.14 11.63 -19.88
N ALA D 213 -15.07 11.15 -19.26
CA ALA D 213 -13.89 10.77 -20.03
C ALA D 213 -14.20 9.64 -21.01
N MET D 214 -15.01 8.67 -20.58
CA MET D 214 -15.38 7.61 -21.50
C MET D 214 -16.19 8.15 -22.69
N GLU D 215 -17.12 9.07 -22.42
CA GLU D 215 -17.90 9.64 -23.52
C GLU D 215 -17.00 10.44 -24.46
N ILE D 216 -16.10 11.24 -23.91
CA ILE D 216 -15.17 12.01 -24.74
C ILE D 216 -14.37 11.07 -25.63
N LEU D 217 -13.96 9.92 -25.09
CA LEU D 217 -13.08 9.05 -25.84
C LEU D 217 -13.79 8.45 -27.05
N THR D 218 -15.05 8.07 -26.89
CA THR D 218 -15.75 7.21 -27.85
C THR D 218 -16.74 7.93 -28.75
N ARG D 219 -17.13 9.18 -28.44
CA ARG D 219 -18.27 9.76 -29.13
C ARG D 219 -18.03 10.07 -30.61
N HIS D 220 -16.82 9.87 -31.12
CA HIS D 220 -16.56 9.99 -32.56
C HIS D 220 -16.25 8.66 -33.19
N SER D 221 -16.54 7.58 -32.49
CA SER D 221 -16.30 6.25 -32.99
C SER D 221 -17.61 5.63 -33.44
N ALA D 222 -17.53 4.42 -33.95
CA ALA D 222 -18.71 3.67 -34.29
C ALA D 222 -19.54 3.29 -33.07
N THR D 223 -18.97 3.37 -31.86
CA THR D 223 -19.63 2.90 -30.63
C THR D 223 -19.52 3.98 -29.55
N PRO D 224 -20.28 5.05 -29.65
CA PRO D 224 -20.25 6.07 -28.60
C PRO D 224 -20.84 5.53 -27.31
N VAL D 225 -20.25 5.94 -26.19
CA VAL D 225 -20.69 5.51 -24.86
C VAL D 225 -21.15 6.75 -24.11
N ALA D 226 -22.34 6.67 -23.52
CA ALA D 226 -22.92 7.82 -22.86
C ALA D 226 -22.48 7.92 -21.40
N ALA D 227 -22.17 9.13 -20.97
CA ALA D 227 -22.05 9.44 -19.55
C ALA D 227 -23.38 10.07 -19.15
N VAL D 228 -24.03 9.46 -18.18
CA VAL D 228 -25.43 9.77 -17.90
C VAL D 228 -25.56 10.36 -16.52
N ALA D 229 -26.38 11.41 -16.41
CA ALA D 229 -26.67 12.06 -15.14
C ALA D 229 -27.48 11.14 -14.24
N HIS D 230 -27.22 11.25 -12.94
CA HIS D 230 -27.92 10.45 -11.95
C HIS D 230 -28.00 11.24 -10.66
N ARG D 231 -28.83 10.74 -9.75
CA ARG D 231 -29.13 11.43 -8.50
C ARG D 231 -29.68 10.41 -7.53
N VAL D 232 -29.81 10.81 -6.27
CA VAL D 232 -30.41 9.98 -5.24
C VAL D 232 -31.57 10.73 -4.61
N GLN D 233 -32.71 10.06 -4.51
CA GLN D 233 -33.90 10.66 -3.94
C GLN D 233 -33.75 10.86 -2.44
N GLU D 234 -34.36 11.93 -1.95
CA GLU D 234 -34.44 12.22 -0.52
C GLU D 234 -34.90 10.99 0.26
N GLN D 235 -34.17 10.66 1.33
CA GLN D 235 -34.50 9.54 2.19
C GLN D 235 -35.28 10.02 3.41
N LEU D 236 -36.20 9.18 3.87
CA LEU D 236 -37.12 9.65 4.91
C LEU D 236 -36.83 9.00 6.25
N PRO D 237 -36.96 9.76 7.35
CA PRO D 237 -36.78 9.15 8.67
C PRO D 237 -37.94 8.23 9.02
N GLY D 238 -37.98 7.08 8.36
CA GLY D 238 -38.86 6.00 8.70
C GLY D 238 -38.03 4.74 8.75
N GLN D 239 -36.92 4.83 9.50
CA GLN D 239 -35.81 3.88 9.48
C GLN D 239 -35.09 3.95 8.15
N ALA D 240 -34.55 5.12 7.82
CA ALA D 240 -33.66 5.19 6.67
C ALA D 240 -32.23 5.00 7.12
N ASP D 241 -31.44 6.06 6.96
CA ASP D 241 -30.00 5.92 6.84
C ASP D 241 -29.73 4.85 5.81
N ARG D 242 -29.84 5.26 4.56
CA ARG D 242 -29.35 4.48 3.45
C ARG D 242 -27.83 4.60 3.41
N PHE D 243 -27.18 3.63 2.78
CA PHE D 243 -25.73 3.62 2.67
C PHE D 243 -25.37 3.16 1.27
N SER D 244 -24.27 3.68 0.74
CA SER D 244 -23.74 3.12 -0.49
C SER D 244 -22.26 3.44 -0.54
N TYR D 245 -21.57 2.79 -1.47
CA TYR D 245 -20.17 3.11 -1.72
C TYR D 245 -19.80 2.66 -3.12
N ALA D 246 -18.87 3.39 -3.72
CA ALA D 246 -18.52 3.14 -5.11
C ALA D 246 -17.03 3.30 -5.31
N LEU D 247 -16.51 2.54 -6.27
CA LEU D 247 -15.13 2.66 -6.74
C LEU D 247 -15.15 3.45 -8.04
N PHE D 248 -14.45 4.60 -8.05
CA PHE D 248 -14.34 5.46 -9.22
C PHE D 248 -12.99 5.28 -9.86
N VAL D 249 -12.97 5.06 -11.17
CA VAL D 249 -11.75 4.93 -11.94
C VAL D 249 -11.57 6.18 -12.78
N ASP D 250 -10.44 6.86 -12.58
CA ASP D 250 -10.11 8.08 -13.31
C ASP D 250 -8.72 7.95 -13.91
N SER D 251 -8.45 8.82 -14.88
CA SER D 251 -7.12 8.88 -15.51
C SER D 251 -6.08 9.32 -14.50
N SER D 252 -4.81 9.02 -14.80
CA SER D 252 -3.73 9.76 -14.15
C SER D 252 -3.91 11.25 -14.40
N LEU D 253 -3.66 12.04 -13.37
CA LEU D 253 -3.74 13.49 -13.49
C LEU D 253 -2.35 14.12 -13.65
N ASP D 254 -1.30 13.30 -13.78
CA ASP D 254 0.04 13.79 -14.01
C ASP D 254 0.29 13.90 -15.51
N PRO D 255 0.41 15.11 -16.06
CA PRO D 255 0.58 15.23 -17.51
C PRO D 255 1.81 14.53 -18.04
N ARG D 256 2.79 14.26 -17.18
CA ARG D 256 3.97 13.53 -17.58
C ARG D 256 3.66 12.05 -17.77
N THR D 257 2.54 11.56 -17.24
CA THR D 257 2.09 10.18 -17.40
C THR D 257 0.90 10.06 -18.35
N CYS D 258 -0.09 10.95 -18.21
CA CYS D 258 -1.24 11.00 -19.10
C CYS D 258 -1.36 12.44 -19.57
N PRO D 259 -1.13 12.72 -20.86
CA PRO D 259 -1.12 14.12 -21.32
C PRO D 259 -2.48 14.80 -21.28
N GLY D 260 -3.57 14.08 -21.06
CA GLY D 260 -4.87 14.74 -21.03
C GLY D 260 -5.95 13.79 -21.50
N LEU D 261 -6.96 14.36 -22.16
CA LEU D 261 -8.17 13.62 -22.56
C LEU D 261 -8.15 13.35 -24.05
N PHE D 262 -8.17 12.08 -24.43
CA PHE D 262 -8.08 11.67 -25.82
C PHE D 262 -9.45 11.47 -26.45
N ARG D 263 -9.48 11.55 -27.76
CA ARG D 263 -10.63 11.17 -28.55
C ARG D 263 -10.12 10.20 -29.60
N TYR D 264 -10.78 9.06 -29.73
CA TYR D 264 -10.35 8.10 -30.74
C TYR D 264 -11.00 8.45 -32.07
N LEU D 265 -10.17 8.53 -33.13
CA LEU D 265 -10.63 8.81 -34.50
C LEU D 265 -10.45 7.56 -35.34
N PRO D 266 -11.52 6.87 -35.75
CA PRO D 266 -11.32 5.70 -36.61
C PRO D 266 -10.53 6.09 -37.84
N GLY D 267 -9.53 5.27 -38.16
CA GLY D 267 -8.64 5.52 -39.26
C GLY D 267 -7.41 6.32 -38.90
N HIS D 268 -7.45 7.10 -37.84
CA HIS D 268 -6.34 7.99 -37.45
C HIS D 268 -5.67 7.59 -36.16
N GLY D 269 -6.41 7.13 -35.16
CA GLY D 269 -5.83 6.82 -33.86
C GLY D 269 -6.30 7.78 -32.78
N LEU D 270 -5.49 7.99 -31.75
CA LEU D 270 -5.87 8.88 -30.66
C LEU D 270 -5.49 10.32 -30.98
N VAL D 271 -6.39 11.23 -30.65
CA VAL D 271 -6.14 12.67 -30.79
C VAL D 271 -6.35 13.31 -29.43
N LEU D 272 -5.37 14.12 -29.00
CA LEU D 272 -5.44 14.74 -27.68
C LEU D 272 -6.41 15.92 -27.75
N GLU D 273 -7.56 15.78 -27.12
CA GLU D 273 -8.58 16.82 -27.16
C GLU D 273 -8.42 17.86 -26.06
N ALA D 274 -7.93 17.47 -24.89
CA ALA D 274 -7.59 18.41 -23.83
C ALA D 274 -6.16 18.13 -23.40
N ASP D 275 -5.31 19.14 -23.50
CA ASP D 275 -3.87 19.01 -23.26
C ASP D 275 -3.62 19.57 -21.86
N PHE D 276 -3.50 18.66 -20.88
CA PHE D 276 -3.42 19.08 -19.47
C PHE D 276 -2.26 20.03 -19.23
N GLU D 277 -1.09 19.73 -19.79
CA GLU D 277 0.06 20.58 -19.51
C GLU D 277 -0.13 21.97 -20.12
N MET D 278 -0.67 22.03 -21.34
CA MET D 278 -0.97 23.35 -21.91
C MET D 278 -1.93 24.12 -21.01
N PHE D 279 -2.96 23.46 -20.48
CA PHE D 279 -3.91 24.16 -19.64
C PHE D 279 -3.27 24.61 -18.34
N LEU D 280 -2.41 23.79 -17.74
CA LEU D 280 -1.73 24.24 -16.53
C LEU D 280 -0.82 25.44 -16.82
N ASN D 281 -0.18 25.46 -17.98
CA ASN D 281 0.60 26.64 -18.36
C ASN D 281 -0.30 27.88 -18.44
N GLU D 282 -1.51 27.73 -18.95
CA GLU D 282 -2.42 28.88 -19.00
C GLU D 282 -2.87 29.29 -17.60
N ILE D 283 -3.17 28.32 -16.73
CA ILE D 283 -3.56 28.65 -15.36
C ILE D 283 -2.43 29.38 -14.63
N LEU D 284 -1.20 28.97 -14.90
CA LEU D 284 -0.05 29.64 -14.30
C LEU D 284 0.01 31.10 -14.70
N HIS D 285 -0.13 31.36 -16.00
CA HIS D 285 -0.07 32.75 -16.47
C HIS D 285 -1.24 33.55 -15.95
N ASN D 286 -2.45 32.98 -15.95
CA ASN D 286 -3.59 33.69 -15.38
C ASN D 286 -3.40 33.96 -13.90
N THR D 287 -2.86 32.99 -13.17
CA THR D 287 -2.60 33.20 -11.74
C THR D 287 -1.54 34.28 -11.55
N TYR D 288 -0.51 34.25 -12.39
CA TYR D 288 0.53 35.27 -12.32
C TYR D 288 -0.06 36.66 -12.56
N GLN D 289 -0.84 36.80 -13.63
CA GLN D 289 -1.35 38.12 -14.00
C GLN D 289 -2.42 38.60 -13.03
N GLU D 290 -3.32 37.70 -12.60
CA GLU D 290 -4.46 38.14 -11.80
C GLU D 290 -4.02 38.65 -10.43
N ASN D 291 -3.32 37.80 -9.67
CA ASN D 291 -2.96 38.08 -8.29
C ASN D 291 -4.21 38.37 -7.45
FE FE2 E . 15.19 -20.26 -4.49
C1 PEG F . 7.34 -19.87 7.16
O1 PEG F . 8.57 -20.21 6.50
C2 PEG F . 6.26 -20.91 6.88
O2 PEG F . 5.83 -20.87 5.51
C3 PEG F . 4.58 -21.55 5.34
C4 PEG F . 4.29 -21.92 3.89
O4 PEG F . 4.02 -20.76 3.08
C1 AKG G . 16.41 -17.30 -4.88
O1 AKG G . 16.61 -16.07 -4.78
O2 AKG G . 15.81 -17.93 -4.00
C2 AKG G . 16.91 -18.00 -6.07
O5 AKG G . 16.65 -19.17 -6.27
C3 AKG G . 17.75 -17.24 -7.05
C4 AKG G . 18.03 -18.10 -8.29
C5 AKG G . 18.92 -17.30 -9.22
O3 AKG G . 19.43 -16.24 -8.78
O4 AKG G . 19.12 -17.72 -10.39
FE FE2 H . -7.73 -20.92 34.35
C1 PEG I . 0.47 -19.83 22.35
O1 PEG I . -0.93 -19.98 22.51
C2 PEG I . 0.84 -18.38 22.06
O2 PEG I . 0.51 -17.52 23.17
C3 PEG I . 1.40 -16.41 23.23
C4 PEG I . 1.16 -15.65 24.53
O4 PEG I . -0.05 -14.90 24.46
FE FE2 J . 14.61 31.96 -20.96
C1 PEG K . 5.32 25.98 -12.08
O1 PEG K . 6.49 25.18 -12.24
C2 PEG K . 4.14 25.26 -12.73
O2 PEG K . 4.30 25.20 -14.15
C3 PEG K . 3.17 24.55 -14.73
C4 PEG K . 2.89 25.02 -16.15
O4 PEG K . 4.00 24.78 -17.03
C1 AKG L . 16.10 30.38 -23.21
O1 AKG L . 14.86 30.52 -23.34
O2 AKG L . 16.62 29.25 -23.14
C2 AKG L . 16.96 31.56 -23.11
O5 AKG L . 16.56 32.58 -22.57
C3 AKG L . 18.34 31.54 -23.70
C4 AKG L . 19.03 32.87 -23.44
C5 AKG L . 20.25 32.92 -24.33
O3 AKG L . 20.33 32.05 -25.22
O4 AKG L . 21.10 33.83 -24.16
FE FE2 M . -22.33 9.10 -9.12
C1 PEG N . -10.75 11.69 -16.14
O1 PEG N . -10.39 10.52 -15.40
C2 PEG N . -9.74 12.77 -15.84
O2 PEG N . -10.44 13.89 -15.30
C3 PEG N . -10.35 13.91 -13.88
C4 PEG N . -10.35 15.35 -13.39
O4 PEG N . -11.32 15.47 -12.34
C1 AKG O . -22.02 8.29 -6.03
O1 AKG O . -21.50 7.95 -4.95
O2 AKG O . -21.41 9.01 -6.85
C2 AKG O . -23.37 7.83 -6.34
O5 AKG O . -23.86 8.02 -7.45
C3 AKG O . -24.17 7.11 -5.30
C4 AKG O . -25.37 6.42 -5.95
C5 AKG O . -26.20 5.79 -4.84
O3 AKG O . -25.87 6.03 -3.66
O4 AKG O . -27.18 5.08 -5.15
#